data_4H3D
#
_entry.id   4H3D
#
_cell.length_a   60.275
_cell.length_b   138.688
_cell.length_c   66.315
_cell.angle_alpha   90.00
_cell.angle_beta   90.01
_cell.angle_gamma   90.00
#
_symmetry.space_group_name_H-M   'P 1 21 1'
#
loop_
_entity.id
_entity.type
_entity.pdbx_description
1 polymer '3-dehydroquinate dehydratase'
2 non-polymer 'TRIETHYLENE GLYCOL'
3 non-polymer DI(HYDROXYETHYL)ETHER
4 non-polymer '5-hydroxy-6-methyl-4-oxo-4H-pyran-2-carboxylic acid'
5 non-polymer 'ACETATE ION'
6 water water
#
_entity_poly.entity_id   1
_entity_poly.type   'polypeptide(L)'
_entity_poly.pdbx_seq_one_letter_code
;SNAMKRKVQVKNITIGEGRPKICVPIIGKNKKDIIKEAKELKDACLDIIEWRVDFFENVENIKEVKEVLYELRSYIHDIP
LLFTFRSVVEGGEKLISRDYYTTLNKEISNTGLVDLIDVELFMGDEVIDEVVNFAHKKEVKVIISNHDFNKTPKKEEIVS
RLCRMQELGADLPKIAVMPQNEKDVLVLLEATNEMFKIYADRPIITMSMSGMGVISRLCGEIFGSALTFGAAKSVSAPGQ
ISFKELNSVLNLLHKSIN
;
_entity_poly.pdbx_strand_id   A,B,C,D
#
# COMPACT_ATOMS: atom_id res chain seq x y z
N MET A 4 7.32 -33.43 3.43
CA MET A 4 8.30 -34.50 3.78
C MET A 4 9.73 -33.92 3.85
N LYS A 5 10.00 -32.88 3.06
CA LYS A 5 11.30 -32.21 3.08
C LYS A 5 11.48 -31.51 4.43
N ARG A 6 12.72 -31.48 4.90
CA ARG A 6 12.99 -30.84 6.17
C ARG A 6 12.66 -29.34 6.13
N LYS A 7 12.06 -28.89 7.21
CA LYS A 7 11.81 -27.49 7.44
C LYS A 7 12.85 -27.12 8.46
N VAL A 8 13.01 -25.85 8.74
CA VAL A 8 13.95 -25.39 9.75
C VAL A 8 13.14 -24.58 10.75
N GLN A 9 13.07 -25.05 11.99
CA GLN A 9 12.26 -24.38 13.01
C GLN A 9 13.15 -23.44 13.85
N VAL A 10 12.81 -22.15 13.89
CA VAL A 10 13.51 -21.19 14.76
C VAL A 10 12.46 -20.50 15.61
N LYS A 11 12.52 -20.75 16.91
CA LYS A 11 11.50 -20.30 17.83
C LYS A 11 10.16 -20.78 17.26
N ASN A 12 9.20 -19.87 17.04
CA ASN A 12 7.89 -20.29 16.51
C ASN A 12 7.75 -20.10 15.00
N ILE A 13 8.85 -19.87 14.32
CA ILE A 13 8.81 -19.67 12.88
C ILE A 13 9.27 -20.96 12.17
N THR A 14 8.45 -21.44 11.24
CA THR A 14 8.77 -22.65 10.48
C THR A 14 9.25 -22.26 9.06
N ILE A 15 10.56 -22.22 8.88
CA ILE A 15 11.09 -21.86 7.57
C ILE A 15 10.95 -23.04 6.62
N GLY A 16 10.39 -22.78 5.45
CA GLY A 16 10.17 -23.82 4.42
C GLY A 16 8.74 -24.26 4.33
N GLU A 17 7.88 -23.64 5.12
CA GLU A 17 6.47 -23.92 5.08
C GLU A 17 5.72 -22.65 4.71
N GLY A 18 4.70 -22.77 3.86
CA GLY A 18 3.87 -21.64 3.45
C GLY A 18 4.64 -20.53 2.74
N ARG A 19 4.27 -19.28 3.02
CA ARG A 19 4.93 -18.13 2.39
C ARG A 19 6.33 -17.97 2.92
N PRO A 20 7.21 -17.36 2.11
CA PRO A 20 8.55 -17.10 2.57
C PRO A 20 8.53 -16.21 3.80
N LYS A 21 9.50 -16.40 4.68
CA LYS A 21 9.61 -15.61 5.88
C LYS A 21 10.41 -14.33 5.58
N ILE A 22 10.04 -13.24 6.26
CA ILE A 22 10.64 -11.93 6.03
C ILE A 22 11.73 -11.64 7.06
N CYS A 23 12.93 -11.34 6.58
N CYS A 23 12.92 -11.30 6.57
CA CYS A 23 14.05 -11.01 7.45
CA CYS A 23 14.05 -10.98 7.42
C CYS A 23 14.49 -9.58 7.19
C CYS A 23 14.44 -9.55 7.19
N VAL A 24 14.74 -8.83 8.27
CA VAL A 24 15.13 -7.42 8.17
C VAL A 24 16.42 -7.17 8.92
N PRO A 25 17.39 -6.53 8.27
CA PRO A 25 18.65 -6.25 8.96
C PRO A 25 18.73 -4.99 9.80
N ILE A 26 19.52 -5.09 10.86
CA ILE A 26 19.89 -3.95 11.68
C ILE A 26 21.35 -3.67 11.29
N ILE A 27 21.63 -2.45 10.93
CA ILE A 27 22.96 -2.10 10.42
C ILE A 27 23.62 -0.97 11.22
N GLY A 28 23.16 -0.79 12.46
CA GLY A 28 23.66 0.27 13.34
C GLY A 28 25.17 0.23 13.58
N LYS A 29 25.78 1.38 13.68
N LYS A 29 25.79 1.39 13.65
CA LYS A 29 27.23 1.44 13.86
CA LYS A 29 27.24 1.45 13.88
C LYS A 29 27.60 1.36 15.36
C LYS A 29 27.61 1.37 15.37
N ASN A 30 26.63 1.66 16.24
CA ASN A 30 26.85 1.61 17.69
C ASN A 30 25.63 1.09 18.45
N LYS A 31 25.84 0.84 19.74
CA LYS A 31 24.81 0.21 20.58
C LYS A 31 23.50 0.99 20.59
N LYS A 32 23.57 2.30 20.80
CA LYS A 32 22.34 3.10 20.83
C LYS A 32 21.57 3.02 19.51
N ASP A 33 22.28 3.13 18.40
CA ASP A 33 21.63 3.04 17.08
C ASP A 33 21.03 1.66 16.79
N ILE A 34 21.73 0.60 17.20
CA ILE A 34 21.26 -0.77 17.01
C ILE A 34 19.96 -0.96 17.81
N ILE A 35 19.92 -0.44 19.04
CA ILE A 35 18.71 -0.58 19.87
C ILE A 35 17.54 0.20 19.30
N LYS A 36 17.80 1.41 18.84
CA LYS A 36 16.78 2.23 18.20
C LYS A 36 16.14 1.49 17.03
N GLU A 37 16.98 0.83 16.22
CA GLU A 37 16.50 0.09 15.07
C GLU A 37 15.68 -1.10 15.54
N ALA A 38 16.17 -1.81 16.55
CA ALA A 38 15.45 -2.96 17.09
C ALA A 38 14.06 -2.54 17.57
N LYS A 39 13.99 -1.39 18.24
CA LYS A 39 12.69 -0.89 18.73
C LYS A 39 11.69 -0.62 17.59
N GLU A 40 12.17 -0.22 16.40
CA GLU A 40 11.26 -0.04 15.26
C GLU A 40 10.80 -1.39 14.67
N LEU A 41 11.61 -2.42 14.82
CA LEU A 41 11.29 -3.71 14.24
C LEU A 41 10.53 -4.66 15.17
N LYS A 42 10.63 -4.46 16.48
CA LYS A 42 10.08 -5.41 17.46
C LYS A 42 8.58 -5.73 17.34
N ASP A 43 7.74 -4.73 17.12
CA ASP A 43 6.28 -4.99 16.99
C ASP A 43 5.79 -4.86 15.54
N ALA A 44 6.73 -4.99 14.60
CA ALA A 44 6.44 -4.84 13.17
C ALA A 44 6.15 -6.20 12.52
N CYS A 45 5.59 -6.14 11.30
N CYS A 45 5.49 -6.20 11.36
CA CYS A 45 5.19 -7.32 10.55
CA CYS A 45 5.16 -7.47 10.69
C CYS A 45 6.34 -7.99 9.80
C CYS A 45 6.30 -8.03 9.84
N LEU A 46 7.20 -8.69 10.54
CA LEU A 46 8.35 -9.37 9.96
C LEU A 46 8.47 -10.66 10.74
N ASP A 47 9.35 -11.55 10.30
CA ASP A 47 9.50 -12.85 10.94
C ASP A 47 10.81 -13.02 11.69
N ILE A 48 11.89 -12.51 11.10
CA ILE A 48 13.24 -12.67 11.61
C ILE A 48 14.01 -11.38 11.53
N ILE A 49 14.84 -11.12 12.53
CA ILE A 49 15.72 -9.94 12.54
C ILE A 49 17.16 -10.41 12.33
N GLU A 50 17.89 -9.72 11.44
CA GLU A 50 19.28 -10.02 11.18
C GLU A 50 20.15 -8.92 11.76
N TRP A 51 21.11 -9.27 12.59
CA TRP A 51 22.07 -8.27 13.05
C TRP A 51 23.33 -8.36 12.16
N ARG A 52 23.50 -7.37 11.31
CA ARG A 52 24.70 -7.24 10.49
C ARG A 52 25.76 -6.63 11.38
N VAL A 53 26.45 -7.50 12.11
CA VAL A 53 27.45 -7.07 13.10
C VAL A 53 28.68 -6.41 12.49
N ASP A 54 28.96 -6.65 11.21
CA ASP A 54 30.13 -6.01 10.58
C ASP A 54 30.03 -4.49 10.57
N PHE A 55 28.84 -3.95 10.67
CA PHE A 55 28.65 -2.48 10.79
C PHE A 55 28.98 -1.98 12.20
N PHE A 56 28.90 -2.86 13.21
CA PHE A 56 29.16 -2.47 14.61
C PHE A 56 30.63 -2.06 14.82
N GLU A 57 30.86 -0.80 15.18
CA GLU A 57 32.25 -0.29 15.29
C GLU A 57 33.16 -1.03 16.26
N ASN A 58 32.58 -1.55 17.34
CA ASN A 58 33.35 -2.26 18.37
C ASN A 58 33.28 -3.79 18.21
N VAL A 59 33.04 -4.23 16.98
CA VAL A 59 32.90 -5.66 16.67
C VAL A 59 34.08 -6.52 17.15
N GLU A 60 35.30 -5.95 17.15
CA GLU A 60 36.50 -6.68 17.58
C GLU A 60 36.59 -6.92 19.08
N ASN A 61 35.66 -6.34 19.86
CA ASN A 61 35.58 -6.58 21.29
C ASN A 61 34.39 -7.50 21.54
N ILE A 62 34.66 -8.79 21.75
N ILE A 62 34.67 -8.79 21.74
CA ILE A 62 33.60 -9.78 21.96
CA ILE A 62 33.62 -9.77 21.98
C ILE A 62 32.69 -9.38 23.14
C ILE A 62 32.70 -9.39 23.13
N LYS A 63 33.25 -8.75 24.16
CA LYS A 63 32.43 -8.33 25.32
C LYS A 63 31.42 -7.25 24.95
N GLU A 64 31.80 -6.32 24.08
CA GLU A 64 30.84 -5.29 23.63
C GLU A 64 29.78 -5.87 22.68
N VAL A 65 30.16 -6.89 21.91
CA VAL A 65 29.20 -7.55 21.02
C VAL A 65 28.15 -8.26 21.88
N LYS A 66 28.62 -8.98 22.91
CA LYS A 66 27.71 -9.65 23.84
C LYS A 66 26.78 -8.64 24.55
N GLU A 67 27.34 -7.51 24.99
N GLU A 67 27.35 -7.51 24.97
CA GLU A 67 26.55 -6.48 25.67
CA GLU A 67 26.58 -6.45 25.66
C GLU A 67 25.37 -6.05 24.80
C GLU A 67 25.39 -5.99 24.82
N VAL A 68 25.61 -5.82 23.52
CA VAL A 68 24.54 -5.43 22.59
C VAL A 68 23.47 -6.50 22.53
N LEU A 69 23.95 -7.74 22.42
CA LEU A 69 23.07 -8.90 22.34
C LEU A 69 22.15 -9.05 23.57
N TYR A 70 22.71 -8.90 24.77
CA TYR A 70 21.90 -9.00 25.99
C TYR A 70 20.82 -7.89 26.00
N GLU A 71 21.21 -6.68 25.60
CA GLU A 71 20.28 -5.54 25.57
C GLU A 71 19.23 -5.73 24.51
N LEU A 72 19.66 -6.13 23.32
CA LEU A 72 18.79 -6.39 22.20
C LEU A 72 17.74 -7.47 22.57
N ARG A 73 18.15 -8.52 23.28
CA ARG A 73 17.21 -9.58 23.71
C ARG A 73 16.11 -9.12 24.69
N SER A 74 16.35 -8.03 25.43
N SER A 74 16.35 -8.04 25.43
CA SER A 74 15.31 -7.50 26.31
CA SER A 74 15.31 -7.50 26.31
C SER A 74 14.18 -6.89 25.45
C SER A 74 14.18 -6.89 25.45
N TYR A 75 14.52 -6.46 24.23
CA TYR A 75 13.52 -5.89 23.29
C TYR A 75 12.86 -6.95 22.39
N ILE A 76 13.66 -7.90 21.90
CA ILE A 76 13.13 -8.94 21.00
C ILE A 76 13.37 -10.36 21.57
N HIS A 77 12.81 -10.61 22.76
CA HIS A 77 13.00 -11.89 23.43
C HIS A 77 12.53 -13.10 22.60
N ASP A 78 11.42 -12.96 21.88
CA ASP A 78 10.88 -14.10 21.15
C ASP A 78 11.01 -14.05 19.63
N ILE A 79 11.65 -13.03 19.09
CA ILE A 79 11.85 -12.96 17.64
C ILE A 79 13.17 -13.65 17.30
N PRO A 80 13.14 -14.56 16.34
CA PRO A 80 14.37 -15.23 15.91
C PRO A 80 15.42 -14.19 15.48
N LEU A 81 16.66 -14.43 15.86
CA LEU A 81 17.71 -13.50 15.57
C LEU A 81 18.78 -14.20 14.81
N LEU A 82 19.09 -13.65 13.65
CA LEU A 82 20.16 -14.13 12.78
C LEU A 82 21.36 -13.22 12.99
N PHE A 83 22.52 -13.81 13.26
CA PHE A 83 23.77 -13.08 13.50
C PHE A 83 24.65 -13.25 12.29
N THR A 84 25.02 -12.14 11.66
CA THR A 84 25.83 -12.18 10.46
C THR A 84 26.98 -11.19 10.44
N PHE A 85 28.21 -11.70 10.38
CA PHE A 85 29.34 -10.85 10.08
C PHE A 85 29.63 -11.07 8.60
N ARG A 86 29.26 -10.10 7.77
CA ARG A 86 29.52 -10.19 6.34
C ARG A 86 30.95 -9.74 6.11
N SER A 87 31.77 -10.59 5.50
CA SER A 87 33.17 -10.23 5.27
C SER A 87 33.34 -9.21 4.11
N VAL A 88 34.51 -8.55 4.08
CA VAL A 88 34.77 -7.52 3.08
C VAL A 88 34.67 -8.04 1.64
N VAL A 89 35.18 -9.25 1.40
CA VAL A 89 35.16 -9.84 0.06
C VAL A 89 33.73 -10.06 -0.44
N GLU A 90 32.77 -10.17 0.48
CA GLU A 90 31.39 -10.39 0.11
C GLU A 90 30.47 -9.20 0.46
N GLY A 91 31.05 -8.01 0.44
CA GLY A 91 30.30 -6.75 0.61
C GLY A 91 30.24 -6.13 2.00
N GLY A 92 31.03 -6.66 2.92
CA GLY A 92 31.02 -6.18 4.29
C GLY A 92 31.78 -4.90 4.54
N GLU A 93 31.64 -4.39 5.76
CA GLU A 93 32.20 -3.10 6.17
C GLU A 93 33.55 -3.12 6.89
N LYS A 94 33.95 -4.27 7.42
CA LYS A 94 35.09 -4.31 8.32
C LYS A 94 36.02 -5.49 8.10
N LEU A 95 37.31 -5.21 8.01
CA LEU A 95 38.30 -6.29 7.88
C LEU A 95 38.60 -6.88 9.28
N ILE A 96 38.55 -8.20 9.39
CA ILE A 96 38.96 -8.92 10.62
C ILE A 96 39.69 -10.20 10.19
N SER A 97 40.43 -10.79 11.11
CA SER A 97 41.18 -12.01 10.81
C SER A 97 40.27 -13.21 10.66
N ARG A 98 40.78 -14.25 10.03
N ARG A 98 40.84 -14.23 10.04
CA ARG A 98 40.04 -15.49 9.86
CA ARG A 98 40.21 -15.52 9.84
C ARG A 98 39.82 -16.13 11.23
C ARG A 98 39.87 -16.13 11.19
N ASP A 99 40.84 -16.08 12.10
CA ASP A 99 40.72 -16.63 13.44
C ASP A 99 39.62 -15.91 14.21
N TYR A 100 39.56 -14.59 14.12
CA TYR A 100 38.55 -13.85 14.86
C TYR A 100 37.15 -14.06 14.30
N TYR A 101 37.04 -14.26 12.99
CA TYR A 101 35.75 -14.55 12.37
C TYR A 101 35.17 -15.84 12.95
N THR A 102 36.04 -16.83 13.14
CA THR A 102 35.67 -18.10 13.72
C THR A 102 35.33 -17.95 15.19
N THR A 103 36.21 -17.28 15.93
CA THR A 103 36.00 -17.01 17.37
C THR A 103 34.69 -16.27 17.64
N LEU A 104 34.45 -15.20 16.89
CA LEU A 104 33.23 -14.39 17.00
C LEU A 104 31.98 -15.26 16.86
N ASN A 105 31.90 -16.00 15.77
CA ASN A 105 30.74 -16.85 15.51
C ASN A 105 30.58 -17.94 16.57
N LYS A 106 31.68 -18.53 17.04
CA LYS A 106 31.59 -19.55 18.10
C LYS A 106 31.12 -18.97 19.44
N GLU A 107 31.75 -17.90 19.91
N GLU A 107 31.77 -17.89 19.87
CA GLU A 107 31.38 -17.32 21.21
CA GLU A 107 31.44 -17.19 21.13
C GLU A 107 29.95 -16.75 21.22
C GLU A 107 29.96 -16.81 21.17
N ILE A 108 29.49 -16.21 20.10
CA ILE A 108 28.14 -15.72 20.01
C ILE A 108 27.16 -16.91 19.93
N SER A 109 27.51 -17.96 19.18
CA SER A 109 26.65 -19.17 19.16
C SER A 109 26.54 -19.74 20.57
N ASN A 110 27.64 -19.66 21.33
CA ASN A 110 27.67 -20.24 22.67
C ASN A 110 26.80 -19.49 23.68
N THR A 111 26.43 -18.24 23.39
CA THR A 111 25.62 -17.46 24.33
C THR A 111 24.20 -17.99 24.44
N GLY A 112 23.75 -18.71 23.42
CA GLY A 112 22.40 -19.21 23.40
C GLY A 112 21.42 -18.10 23.05
N LEU A 113 21.92 -16.92 22.69
CA LEU A 113 21.03 -15.77 22.40
C LEU A 113 20.78 -15.50 20.89
N VAL A 114 21.41 -16.25 20.00
CA VAL A 114 21.12 -16.13 18.55
C VAL A 114 20.55 -17.45 18.05
N ASP A 115 19.61 -17.35 17.12
CA ASP A 115 18.92 -18.52 16.61
C ASP A 115 19.56 -19.05 15.35
N LEU A 116 20.23 -18.16 14.60
CA LEU A 116 20.93 -18.52 13.39
C LEU A 116 22.18 -17.70 13.26
N ILE A 117 23.17 -18.25 12.56
CA ILE A 117 24.35 -17.51 12.18
C ILE A 117 24.53 -17.74 10.66
N ASP A 118 25.24 -16.83 10.02
CA ASP A 118 25.50 -16.91 8.59
C ASP A 118 26.99 -16.95 8.38
N VAL A 119 27.50 -18.03 7.77
N VAL A 119 27.48 -18.04 7.76
CA VAL A 119 28.93 -18.15 7.46
CA VAL A 119 28.91 -18.21 7.45
C VAL A 119 29.11 -18.32 5.94
C VAL A 119 29.06 -18.25 5.93
N GLU A 120 30.20 -17.78 5.42
CA GLU A 120 30.43 -17.76 3.96
C GLU A 120 31.13 -18.98 3.40
N LEU A 121 30.52 -19.55 2.36
CA LEU A 121 31.04 -20.73 1.68
C LEU A 121 32.51 -20.57 1.30
N PHE A 122 32.88 -19.41 0.77
CA PHE A 122 34.25 -19.22 0.31
C PHE A 122 35.28 -18.95 1.42
N MET A 123 34.86 -19.09 2.68
CA MET A 123 35.83 -19.00 3.79
C MET A 123 36.63 -20.32 3.87
N GLY A 124 36.14 -21.37 3.21
CA GLY A 124 36.84 -22.65 3.18
C GLY A 124 36.28 -23.67 4.15
N ASP A 125 36.44 -24.94 3.82
CA ASP A 125 35.91 -26.04 4.62
C ASP A 125 36.41 -26.10 6.06
N GLU A 126 37.67 -25.75 6.30
CA GLU A 126 38.24 -25.81 7.66
C GLU A 126 37.47 -24.89 8.60
N VAL A 127 37.30 -23.65 8.18
CA VAL A 127 36.55 -22.66 8.95
C VAL A 127 35.08 -23.06 9.06
N ILE A 128 34.49 -23.44 7.94
CA ILE A 128 33.08 -23.81 7.90
C ILE A 128 32.81 -25.03 8.78
N ASP A 129 33.63 -26.09 8.64
CA ASP A 129 33.44 -27.30 9.45
C ASP A 129 33.48 -27.03 10.94
N GLU A 130 34.43 -26.21 11.38
CA GLU A 130 34.55 -25.85 12.79
C GLU A 130 33.30 -25.08 13.29
N VAL A 131 32.90 -24.04 12.55
CA VAL A 131 31.76 -23.20 12.96
C VAL A 131 30.43 -23.95 12.90
N VAL A 132 30.19 -24.69 11.81
CA VAL A 132 28.96 -25.47 11.67
C VAL A 132 28.85 -26.50 12.79
N ASN A 133 29.92 -27.27 13.01
CA ASN A 133 29.91 -28.29 14.07
C ASN A 133 29.57 -27.71 15.43
N PHE A 134 30.21 -26.59 15.77
CA PHE A 134 29.99 -25.95 17.06
C PHE A 134 28.57 -25.33 17.18
N ALA A 135 28.09 -24.72 16.10
CA ALA A 135 26.78 -24.13 16.10
C ALA A 135 25.71 -25.21 16.31
N HIS A 136 25.85 -26.34 15.63
CA HIS A 136 24.90 -27.43 15.77
C HIS A 136 24.86 -28.03 17.18
N LYS A 137 26.00 -28.09 17.85
CA LYS A 137 26.02 -28.60 19.23
C LYS A 137 25.20 -27.69 20.16
N LYS A 138 25.07 -26.41 19.78
CA LYS A 138 24.27 -25.44 20.55
C LYS A 138 22.86 -25.23 19.95
N GLU A 139 22.45 -26.09 19.02
CA GLU A 139 21.15 -25.96 18.36
C GLU A 139 20.94 -24.65 17.59
N VAL A 140 22.04 -24.03 17.16
CA VAL A 140 21.98 -22.83 16.36
C VAL A 140 21.93 -23.24 14.89
N LYS A 141 21.04 -22.62 14.13
CA LYS A 141 20.88 -22.95 12.69
C LYS A 141 21.90 -22.18 11.90
N VAL A 142 22.42 -22.77 10.84
CA VAL A 142 23.46 -22.13 10.05
C VAL A 142 23.05 -21.91 8.61
N ILE A 143 23.19 -20.65 8.18
CA ILE A 143 23.07 -20.26 6.82
C ILE A 143 24.50 -20.29 6.27
N ILE A 144 24.73 -20.99 5.17
CA ILE A 144 26.02 -20.90 4.50
C ILE A 144 25.71 -20.08 3.25
N SER A 145 26.39 -18.94 3.11
CA SER A 145 26.08 -18.02 2.02
C SER A 145 27.18 -17.82 0.99
N ASN A 146 26.77 -17.32 -0.16
CA ASN A 146 27.68 -17.01 -1.24
C ASN A 146 27.10 -15.85 -2.03
N HIS A 147 27.99 -14.95 -2.46
CA HIS A 147 27.61 -13.76 -3.17
C HIS A 147 28.42 -13.53 -4.44
N ASP A 148 27.75 -13.03 -5.47
CA ASP A 148 28.46 -12.60 -6.66
C ASP A 148 27.89 -11.22 -7.03
N PHE A 149 28.69 -10.18 -6.81
CA PHE A 149 28.25 -8.83 -7.06
C PHE A 149 28.52 -8.33 -8.46
N ASN A 150 29.20 -9.15 -9.25
CA ASN A 150 29.55 -8.75 -10.61
C ASN A 150 28.70 -9.39 -11.69
N LYS A 151 28.25 -10.61 -11.46
CA LYS A 151 27.51 -11.34 -12.50
C LYS A 151 26.65 -12.44 -11.89
N THR A 152 25.94 -13.12 -12.75
CA THR A 152 25.10 -14.25 -12.37
C THR A 152 25.76 -15.50 -12.97
N PRO A 153 26.27 -16.39 -12.10
CA PRO A 153 26.86 -17.62 -12.62
C PRO A 153 25.81 -18.43 -13.38
N LYS A 154 26.29 -19.35 -14.21
CA LYS A 154 25.41 -20.19 -14.99
C LYS A 154 24.51 -21.00 -14.06
N LYS A 155 23.32 -21.34 -14.55
CA LYS A 155 22.36 -22.11 -13.76
C LYS A 155 23.02 -23.26 -13.00
N GLU A 156 23.81 -24.06 -13.71
CA GLU A 156 24.47 -25.24 -13.12
C GLU A 156 25.48 -24.91 -12.03
N GLU A 157 26.17 -23.78 -12.16
CA GLU A 157 27.11 -23.34 -11.14
C GLU A 157 26.36 -22.86 -9.87
N ILE A 158 25.23 -22.17 -10.06
CA ILE A 158 24.39 -21.77 -8.92
C ILE A 158 23.93 -23.04 -8.16
N VAL A 159 23.44 -24.03 -8.90
CA VAL A 159 22.96 -25.29 -8.31
C VAL A 159 24.12 -26.01 -7.60
N SER A 160 25.28 -26.04 -8.23
CA SER A 160 26.48 -26.67 -7.65
C SER A 160 26.84 -26.05 -6.29
N ARG A 161 26.78 -24.73 -6.20
CA ARG A 161 27.08 -24.06 -4.95
C ARG A 161 26.06 -24.36 -3.84
N LEU A 162 24.78 -24.35 -4.20
CA LEU A 162 23.71 -24.67 -3.24
C LEU A 162 23.86 -26.10 -2.75
N CYS A 163 24.23 -27.00 -3.67
CA CYS A 163 24.51 -28.39 -3.29
C CYS A 163 25.72 -28.49 -2.36
N ARG A 164 26.79 -27.76 -2.67
N ARG A 164 26.80 -27.76 -2.65
CA ARG A 164 27.97 -27.77 -1.82
CA ARG A 164 27.98 -27.80 -1.78
C ARG A 164 27.63 -27.30 -0.39
C ARG A 164 27.64 -27.30 -0.37
N MET A 165 26.81 -26.26 -0.30
CA MET A 165 26.38 -25.74 1.00
C MET A 165 25.66 -26.86 1.81
N GLN A 166 24.78 -27.62 1.15
CA GLN A 166 24.09 -28.75 1.79
C GLN A 166 25.09 -29.77 2.29
N GLU A 167 26.08 -30.07 1.44
CA GLU A 167 27.13 -31.05 1.77
C GLU A 167 27.93 -30.61 2.98
N LEU A 168 28.09 -29.30 3.14
CA LEU A 168 28.83 -28.76 4.28
C LEU A 168 27.98 -28.62 5.57
N GLY A 169 26.72 -29.08 5.52
CA GLY A 169 25.86 -29.07 6.71
C GLY A 169 25.00 -27.83 6.92
N ALA A 170 24.91 -26.96 5.90
CA ALA A 170 24.06 -25.77 6.04
C ALA A 170 22.65 -26.21 6.37
N ASP A 171 22.01 -25.54 7.32
CA ASP A 171 20.59 -25.74 7.55
C ASP A 171 19.84 -24.99 6.43
N LEU A 172 20.46 -23.91 5.96
CA LEU A 172 19.85 -23.03 4.96
C LEU A 172 20.89 -22.47 3.96
N PRO A 173 21.05 -23.13 2.82
CA PRO A 173 21.92 -22.59 1.77
C PRO A 173 21.42 -21.23 1.31
N LYS A 174 22.34 -20.29 1.06
CA LYS A 174 21.94 -18.95 0.61
C LYS A 174 22.83 -18.46 -0.51
N ILE A 175 22.21 -17.98 -1.59
CA ILE A 175 22.99 -17.37 -2.67
C ILE A 175 22.36 -16.07 -3.16
N ALA A 176 23.21 -15.07 -3.36
CA ALA A 176 22.81 -13.78 -3.88
C ALA A 176 23.71 -13.45 -5.06
N VAL A 177 23.11 -13.18 -6.22
CA VAL A 177 23.85 -12.92 -7.43
C VAL A 177 23.40 -11.64 -8.13
N MET A 178 24.29 -11.08 -8.95
CA MET A 178 24.00 -9.82 -9.63
C MET A 178 23.66 -10.08 -11.11
N PRO A 179 22.48 -9.64 -11.53
CA PRO A 179 22.10 -9.78 -12.92
C PRO A 179 22.75 -8.73 -13.78
N GLN A 180 23.21 -9.11 -14.96
CA GLN A 180 23.76 -8.14 -15.93
C GLN A 180 22.70 -7.80 -16.99
N ASN A 181 21.65 -8.60 -17.03
CA ASN A 181 20.53 -8.40 -17.95
C ASN A 181 19.30 -9.14 -17.39
N GLU A 182 18.16 -8.97 -18.05
CA GLU A 182 16.90 -9.54 -17.57
C GLU A 182 16.93 -11.05 -17.55
N LYS A 183 17.58 -11.66 -18.52
CA LYS A 183 17.65 -13.12 -18.59
C LYS A 183 18.38 -13.70 -17.36
N ASP A 184 19.41 -13.00 -16.88
CA ASP A 184 20.12 -13.39 -15.65
C ASP A 184 19.18 -13.56 -14.45
N VAL A 185 18.14 -12.72 -14.37
CA VAL A 185 17.18 -12.84 -13.27
C VAL A 185 16.44 -14.18 -13.40
N LEU A 186 16.08 -14.53 -14.63
CA LEU A 186 15.38 -15.80 -14.90
C LEU A 186 16.33 -16.99 -14.62
N VAL A 187 17.62 -16.82 -14.91
CA VAL A 187 18.59 -17.89 -14.62
C VAL A 187 18.59 -18.18 -13.10
N LEU A 188 18.61 -17.11 -12.28
CA LEU A 188 18.61 -17.27 -10.83
C LEU A 188 17.33 -17.97 -10.39
N LEU A 189 16.19 -17.55 -10.93
CA LEU A 189 14.91 -18.21 -10.59
C LEU A 189 14.87 -19.69 -11.05
N GLU A 190 15.39 -19.97 -12.25
CA GLU A 190 15.41 -21.34 -12.79
C GLU A 190 16.29 -22.26 -11.92
N ALA A 191 17.46 -21.74 -11.53
CA ALA A 191 18.38 -22.48 -10.63
C ALA A 191 17.72 -22.77 -9.29
N THR A 192 16.99 -21.79 -8.77
CA THR A 192 16.29 -21.91 -7.52
C THR A 192 15.30 -23.07 -7.56
N ASN A 193 14.44 -23.11 -8.59
CA ASN A 193 13.41 -24.14 -8.64
C ASN A 193 14.01 -25.51 -8.97
N GLU A 194 15.07 -25.54 -9.80
CA GLU A 194 15.76 -26.80 -10.11
C GLU A 194 16.32 -27.39 -8.80
N MET A 195 16.97 -26.54 -7.99
CA MET A 195 17.53 -26.98 -6.72
C MET A 195 16.39 -27.45 -5.82
N PHE A 196 15.38 -26.59 -5.69
CA PHE A 196 14.20 -26.86 -4.88
C PHE A 196 13.52 -28.23 -5.19
N LYS A 197 13.27 -28.50 -6.47
CA LYS A 197 12.57 -29.72 -6.86
C LYS A 197 13.40 -30.99 -6.97
N ILE A 198 14.67 -30.88 -7.34
CA ILE A 198 15.47 -32.05 -7.65
C ILE A 198 16.59 -32.45 -6.70
N TYR A 199 17.24 -31.49 -6.07
CA TYR A 199 18.39 -31.77 -5.24
C TYR A 199 18.32 -31.36 -3.77
N ALA A 200 17.36 -30.51 -3.41
CA ALA A 200 17.27 -29.96 -2.07
C ALA A 200 16.61 -30.90 -1.07
N ASP A 201 17.20 -31.02 0.12
CA ASP A 201 16.54 -31.78 1.22
C ASP A 201 16.34 -30.86 2.41
N ARG A 202 16.38 -29.56 2.14
CA ARG A 202 16.17 -28.53 3.16
C ARG A 202 15.81 -27.23 2.45
N PRO A 203 15.31 -26.23 3.19
CA PRO A 203 14.95 -24.97 2.55
C PRO A 203 16.18 -24.21 2.04
N ILE A 204 16.01 -23.47 0.96
CA ILE A 204 17.10 -22.66 0.41
C ILE A 204 16.67 -21.19 0.34
N ILE A 205 17.64 -20.29 0.18
CA ILE A 205 17.41 -18.84 0.11
C ILE A 205 18.17 -18.35 -1.10
N THR A 206 17.49 -17.65 -2.00
CA THR A 206 18.10 -17.13 -3.19
C THR A 206 17.57 -15.77 -3.54
N MET A 207 18.38 -14.98 -4.21
CA MET A 207 17.95 -13.71 -4.67
C MET A 207 18.82 -13.19 -5.81
N SER A 208 18.20 -12.37 -6.66
CA SER A 208 18.87 -11.67 -7.73
C SER A 208 18.87 -10.24 -7.22
N MET A 209 20.06 -9.65 -7.10
CA MET A 209 20.19 -8.31 -6.57
C MET A 209 19.86 -7.21 -7.58
N SER A 210 19.86 -5.97 -7.07
CA SER A 210 19.61 -4.73 -7.85
C SER A 210 18.13 -4.57 -8.17
N GLY A 211 17.79 -3.40 -8.72
CA GLY A 211 16.40 -3.12 -9.12
C GLY A 211 15.86 -4.14 -10.10
N MET A 212 16.71 -4.60 -11.01
CA MET A 212 16.28 -5.60 -12.01
C MET A 212 15.84 -6.94 -11.37
N GLY A 213 16.46 -7.32 -10.24
CA GLY A 213 16.14 -8.63 -9.59
C GLY A 213 15.08 -8.60 -8.49
N VAL A 214 14.48 -7.44 -8.26
CA VAL A 214 13.52 -7.28 -7.14
C VAL A 214 12.39 -8.30 -7.18
N ILE A 215 11.98 -8.67 -8.38
CA ILE A 215 10.93 -9.68 -8.52
C ILE A 215 11.29 -10.99 -7.78
N SER A 216 12.60 -11.34 -7.72
CA SER A 216 13.09 -12.55 -7.01
C SER A 216 12.83 -12.52 -5.51
N ARG A 217 12.57 -11.33 -4.95
CA ARG A 217 12.29 -11.21 -3.53
C ARG A 217 10.82 -11.42 -3.24
N LEU A 218 10.01 -11.44 -4.28
CA LEU A 218 8.56 -11.53 -4.11
C LEU A 218 7.95 -12.88 -4.41
N CYS A 219 8.60 -13.66 -5.28
N CYS A 219 8.57 -13.64 -5.29
CA CYS A 219 8.01 -14.92 -5.78
CA CYS A 219 7.97 -14.88 -5.76
C CYS A 219 8.59 -16.21 -5.20
C CYS A 219 8.65 -16.17 -5.24
N GLY A 220 9.13 -16.15 -4.00
CA GLY A 220 9.76 -17.32 -3.38
C GLY A 220 8.86 -18.54 -3.13
N GLU A 221 7.57 -18.31 -2.93
CA GLU A 221 6.69 -19.41 -2.67
C GLU A 221 6.55 -20.28 -3.93
N ILE A 222 6.46 -19.64 -5.09
CA ILE A 222 6.37 -20.39 -6.34
C ILE A 222 7.70 -21.03 -6.74
N PHE A 223 8.79 -20.28 -6.69
CA PHE A 223 10.05 -20.79 -7.20
C PHE A 223 10.94 -21.55 -6.22
N GLY A 224 10.77 -21.30 -4.92
CA GLY A 224 11.49 -22.09 -3.92
C GLY A 224 12.38 -21.39 -2.91
N SER A 225 12.44 -20.06 -2.91
CA SER A 225 13.26 -19.37 -1.86
C SER A 225 12.41 -19.26 -0.59
N ALA A 226 12.97 -19.70 0.53
CA ALA A 226 12.23 -19.77 1.80
C ALA A 226 12.28 -18.52 2.66
N LEU A 227 13.24 -17.64 2.38
CA LEU A 227 13.42 -16.42 3.15
C LEU A 227 13.59 -15.28 2.17
N THR A 228 13.04 -14.12 2.49
CA THR A 228 13.20 -12.95 1.67
C THR A 228 13.58 -11.79 2.59
N PHE A 229 14.44 -10.92 2.09
CA PHE A 229 14.95 -9.82 2.86
C PHE A 229 14.36 -8.46 2.46
N GLY A 230 13.82 -7.76 3.44
CA GLY A 230 13.28 -6.41 3.24
C GLY A 230 14.17 -5.39 3.91
N ALA A 231 14.00 -4.12 3.54
CA ALA A 231 14.76 -3.05 4.13
C ALA A 231 13.94 -2.41 5.25
N ALA A 232 14.62 -1.93 6.29
CA ALA A 232 13.97 -1.31 7.42
C ALA A 232 13.45 0.10 7.12
N LYS A 233 14.23 0.89 6.40
N LYS A 233 14.22 0.90 6.41
CA LYS A 233 13.84 2.27 6.07
CA LYS A 233 13.81 2.28 6.07
C LYS A 233 13.28 2.37 4.65
C LYS A 233 14.41 2.73 4.74
N ALA A 237 16.42 2.65 -1.15
CA ALA A 237 17.59 2.19 -1.88
C ALA A 237 17.20 1.30 -3.07
N PRO A 238 17.54 1.72 -4.32
CA PRO A 238 17.18 0.87 -5.46
C PRO A 238 17.65 -0.57 -5.25
N GLY A 239 16.80 -1.54 -5.59
CA GLY A 239 17.12 -2.93 -5.40
C GLY A 239 16.70 -3.49 -4.03
N GLN A 240 16.05 -2.66 -3.20
CA GLN A 240 15.56 -3.07 -1.87
C GLN A 240 14.07 -2.71 -1.75
N ILE A 241 13.34 -3.47 -0.96
CA ILE A 241 11.90 -3.23 -0.75
C ILE A 241 11.65 -3.05 0.74
N SER A 242 10.90 -2.03 1.14
CA SER A 242 10.63 -1.87 2.57
C SER A 242 9.88 -3.12 3.03
N PHE A 243 10.24 -3.63 4.19
CA PHE A 243 9.64 -4.89 4.68
C PHE A 243 8.14 -4.81 4.90
N LYS A 244 7.65 -3.60 5.18
CA LYS A 244 6.23 -3.39 5.47
C LYS A 244 5.37 -3.78 4.27
N GLU A 245 5.85 -3.43 3.07
CA GLU A 245 5.11 -3.72 1.83
C GLU A 245 5.28 -5.18 1.49
N LEU A 246 6.53 -5.63 1.59
CA LEU A 246 6.90 -7.00 1.30
C LEU A 246 5.88 -7.99 1.89
N ASN A 247 5.47 -7.80 3.13
CA ASN A 247 4.51 -8.70 3.81
C ASN A 247 3.08 -8.80 3.21
N SER A 248 2.55 -7.70 2.72
CA SER A 248 1.22 -7.73 2.12
C SER A 248 1.31 -8.50 0.79
N VAL A 249 2.40 -8.29 0.09
CA VAL A 249 2.61 -8.92 -1.20
C VAL A 249 2.70 -10.44 -1.05
N LEU A 250 3.52 -10.90 -0.11
CA LEU A 250 3.67 -12.35 0.12
C LEU A 250 2.33 -13.04 0.45
N ASN A 251 1.49 -12.39 1.26
CA ASN A 251 0.19 -13.00 1.59
C ASN A 251 -0.75 -12.97 0.40
N LEU A 252 -0.68 -11.89 -0.36
CA LEU A 252 -1.44 -11.75 -1.60
C LEU A 252 -1.10 -12.89 -2.54
N LEU A 253 0.19 -13.19 -2.69
CA LEU A 253 0.64 -14.26 -3.58
C LEU A 253 0.35 -15.65 -3.00
N HIS A 254 0.40 -15.78 -1.68
CA HIS A 254 0.08 -17.05 -1.04
C HIS A 254 -1.39 -17.43 -1.30
N LYS A 255 -2.28 -16.45 -1.35
CA LYS A 255 -3.71 -16.71 -1.61
C LYS A 255 -4.01 -16.99 -3.08
N SER A 256 -3.16 -16.49 -3.98
CA SER A 256 -3.38 -16.65 -5.40
C SER A 256 -2.92 -18.01 -5.96
N ILE A 257 -2.37 -18.88 -5.10
CA ILE A 257 -1.88 -20.20 -5.56
C ILE A 257 -3.04 -21.13 -5.87
N ASN A 258 -2.80 -22.06 -6.80
CA ASN A 258 -3.82 -23.05 -7.20
C ASN A 258 -3.97 -24.18 -6.18
N MET B 4 13.73 1.98 -33.00
CA MET B 4 13.09 2.24 -31.71
C MET B 4 11.68 1.61 -31.81
N LYS B 5 10.76 2.04 -30.96
CA LYS B 5 9.42 1.48 -30.97
C LYS B 5 8.34 2.53 -30.92
N ARG B 6 7.18 2.21 -31.49
N ARG B 6 7.19 2.22 -31.49
CA ARG B 6 6.03 3.08 -31.43
CA ARG B 6 6.06 3.11 -31.43
C ARG B 6 5.39 2.94 -30.07
C ARG B 6 5.39 2.94 -30.07
N LYS B 7 4.73 3.99 -29.60
CA LYS B 7 3.97 3.94 -28.36
C LYS B 7 2.53 3.87 -28.84
N VAL B 8 1.64 3.37 -28.01
CA VAL B 8 0.25 3.29 -28.40
C VAL B 8 -0.55 4.20 -27.47
N GLN B 9 -1.06 5.31 -28.00
CA GLN B 9 -1.84 6.27 -27.23
C GLN B 9 -3.33 5.95 -27.36
N VAL B 10 -4.00 5.81 -26.22
CA VAL B 10 -5.45 5.60 -26.16
C VAL B 10 -5.96 6.63 -25.16
N LYS B 11 -6.92 7.45 -25.58
CA LYS B 11 -7.36 8.57 -24.75
C LYS B 11 -6.07 9.27 -24.31
N ASN B 12 -5.93 9.54 -23.01
N ASN B 12 -5.91 9.62 -23.02
CA ASN B 12 -4.77 10.23 -22.48
CA ASN B 12 -4.66 10.25 -22.59
C ASN B 12 -3.79 9.27 -21.78
C ASN B 12 -3.75 9.27 -21.81
N ILE B 13 -3.80 8.00 -22.19
CA ILE B 13 -2.91 6.95 -21.61
C ILE B 13 -1.90 6.53 -22.69
N THR B 14 -0.62 6.44 -22.34
CA THR B 14 0.44 6.07 -23.29
C THR B 14 0.94 4.66 -22.98
N ILE B 15 0.45 3.67 -23.73
CA ILE B 15 0.85 2.27 -23.53
C ILE B 15 2.22 2.09 -24.14
N GLY B 16 3.11 1.44 -23.39
CA GLY B 16 4.48 1.22 -23.84
C GLY B 16 5.47 2.14 -23.16
N GLU B 17 4.99 3.02 -22.30
CA GLU B 17 5.86 3.95 -21.60
C GLU B 17 5.70 3.76 -20.10
N GLY B 18 6.81 3.83 -19.37
CA GLY B 18 6.81 3.73 -17.92
C GLY B 18 6.26 2.44 -17.30
N ARG B 19 5.46 2.62 -16.27
CA ARG B 19 4.89 1.53 -15.54
C ARG B 19 3.84 0.86 -16.43
N PRO B 20 3.71 -0.49 -16.36
CA PRO B 20 2.67 -1.14 -17.13
C PRO B 20 1.30 -0.60 -16.76
N LYS B 21 0.40 -0.59 -17.71
CA LYS B 21 -0.95 -0.10 -17.48
C LYS B 21 -1.82 -1.26 -17.00
N ILE B 22 -2.75 -0.94 -16.11
CA ILE B 22 -3.65 -1.95 -15.56
C ILE B 22 -5.01 -1.87 -16.22
N CYS B 23 -5.46 -3.03 -16.70
CA CYS B 23 -6.76 -3.18 -17.34
C CYS B 23 -7.64 -4.07 -16.48
N VAL B 24 -8.89 -3.67 -16.29
CA VAL B 24 -9.84 -4.44 -15.51
C VAL B 24 -11.08 -4.72 -16.34
N PRO B 25 -11.51 -6.01 -16.42
CA PRO B 25 -12.70 -6.32 -17.18
C PRO B 25 -14.03 -6.16 -16.47
N ILE B 26 -15.05 -5.87 -17.27
CA ILE B 26 -16.46 -5.84 -16.87
C ILE B 26 -17.04 -7.09 -17.51
N ILE B 27 -17.66 -7.93 -16.70
CA ILE B 27 -18.16 -9.22 -17.17
C ILE B 27 -19.66 -9.43 -16.92
N GLY B 28 -20.38 -8.33 -16.71
CA GLY B 28 -21.81 -8.38 -16.41
C GLY B 28 -22.63 -9.06 -17.49
N LYS B 29 -23.70 -9.71 -17.06
CA LYS B 29 -24.54 -10.48 -17.96
C LYS B 29 -25.65 -9.64 -18.58
N ASN B 30 -25.97 -8.50 -17.93
CA ASN B 30 -27.03 -7.60 -18.40
C ASN B 30 -26.65 -6.13 -18.21
N LYS B 31 -27.42 -5.23 -18.80
CA LYS B 31 -27.10 -3.78 -18.75
C LYS B 31 -26.94 -3.23 -17.33
N LYS B 32 -27.84 -3.60 -16.44
CA LYS B 32 -27.80 -3.14 -15.05
C LYS B 32 -26.48 -3.52 -14.37
N ASP B 33 -26.09 -4.78 -14.49
CA ASP B 33 -24.89 -5.29 -13.84
C ASP B 33 -23.61 -4.66 -14.43
N ILE B 34 -23.58 -4.49 -15.74
CA ILE B 34 -22.45 -3.86 -16.45
C ILE B 34 -22.22 -2.43 -15.93
N ILE B 35 -23.30 -1.66 -15.85
CA ILE B 35 -23.21 -0.28 -15.36
C ILE B 35 -22.80 -0.26 -13.89
N LYS B 36 -23.33 -1.20 -13.10
CA LYS B 36 -22.99 -1.31 -11.69
C LYS B 36 -21.48 -1.56 -11.57
N GLU B 37 -20.96 -2.49 -12.39
CA GLU B 37 -19.52 -2.77 -12.41
C GLU B 37 -18.74 -1.52 -12.82
N ALA B 38 -19.22 -0.82 -13.85
CA ALA B 38 -18.56 0.38 -14.35
C ALA B 38 -18.45 1.47 -13.27
N LYS B 39 -19.51 1.64 -12.48
CA LYS B 39 -19.50 2.64 -11.40
C LYS B 39 -18.50 2.31 -10.30
N GLU B 40 -18.20 1.02 -10.11
CA GLU B 40 -17.18 0.60 -9.15
C GLU B 40 -15.76 0.87 -9.69
N LEU B 41 -15.62 1.05 -11.01
CA LEU B 41 -14.30 1.25 -11.61
C LEU B 41 -13.99 2.68 -12.08
N LYS B 42 -15.01 3.53 -12.16
CA LYS B 42 -14.83 4.86 -12.77
C LYS B 42 -13.83 5.80 -12.08
N ASP B 43 -13.63 5.65 -10.77
CA ASP B 43 -12.74 6.55 -10.05
C ASP B 43 -11.65 5.84 -9.24
N ALA B 44 -11.31 4.62 -9.65
CA ALA B 44 -10.26 3.86 -9.00
C ALA B 44 -8.96 4.06 -9.79
N CYS B 45 -7.84 3.63 -9.24
N CYS B 45 -7.84 3.65 -9.23
CA CYS B 45 -6.57 3.75 -9.93
CA CYS B 45 -6.55 3.83 -9.90
C CYS B 45 -6.40 2.58 -10.84
C CYS B 45 -6.29 2.67 -10.86
N LEU B 46 -6.90 2.75 -12.05
CA LEU B 46 -6.75 1.76 -13.09
C LEU B 46 -6.57 2.58 -14.36
N ASP B 47 -6.11 1.96 -15.42
CA ASP B 47 -5.80 2.68 -16.62
C ASP B 47 -6.79 2.44 -17.75
N ILE B 48 -7.24 1.20 -17.88
CA ILE B 48 -8.11 0.82 -18.99
C ILE B 48 -9.19 -0.11 -18.47
N ILE B 49 -10.37 0.01 -19.05
CA ILE B 49 -11.48 -0.85 -18.73
C ILE B 49 -11.76 -1.71 -19.98
N GLU B 50 -11.92 -3.02 -19.77
CA GLU B 50 -12.23 -3.95 -20.85
C GLU B 50 -13.67 -4.41 -20.70
N TRP B 51 -14.46 -4.28 -21.74
CA TRP B 51 -15.80 -4.85 -21.72
C TRP B 51 -15.76 -6.20 -22.41
N ARG B 52 -15.93 -7.26 -21.60
CA ARG B 52 -15.98 -8.63 -22.10
C ARG B 52 -17.42 -8.87 -22.48
N VAL B 53 -17.73 -8.47 -23.71
CA VAL B 53 -19.09 -8.48 -24.24
C VAL B 53 -19.65 -9.89 -24.46
N ASP B 54 -18.78 -10.89 -24.58
CA ASP B 54 -19.28 -12.28 -24.72
C ASP B 54 -20.09 -12.75 -23.50
N PHE B 55 -19.96 -12.07 -22.35
CA PHE B 55 -20.83 -12.38 -21.15
C PHE B 55 -22.23 -11.74 -21.28
N PHE B 56 -22.32 -10.68 -22.07
CA PHE B 56 -23.60 -9.96 -22.24
C PHE B 56 -24.64 -10.88 -22.92
N GLU B 57 -25.75 -11.15 -22.24
N GLU B 57 -25.74 -11.12 -22.22
CA GLU B 57 -26.76 -12.09 -22.77
CA GLU B 57 -26.82 -12.00 -22.68
C GLU B 57 -27.37 -11.71 -24.11
C GLU B 57 -27.35 -11.69 -24.07
N ASN B 58 -27.49 -10.40 -24.39
CA ASN B 58 -28.05 -9.97 -25.67
C ASN B 58 -26.99 -9.58 -26.70
N VAL B 59 -25.79 -10.19 -26.60
CA VAL B 59 -24.67 -9.84 -27.50
C VAL B 59 -25.02 -10.02 -28.97
N GLU B 60 -25.95 -10.92 -29.29
CA GLU B 60 -26.34 -11.17 -30.70
C GLU B 60 -27.21 -10.07 -31.31
N ASN B 61 -27.66 -9.12 -30.48
CA ASN B 61 -28.44 -8.00 -30.96
C ASN B 61 -27.59 -6.73 -30.90
N ILE B 62 -27.13 -6.28 -32.06
CA ILE B 62 -26.21 -5.16 -32.14
C ILE B 62 -26.78 -3.89 -31.52
N LYS B 63 -28.08 -3.67 -31.67
CA LYS B 63 -28.72 -2.50 -31.10
C LYS B 63 -28.63 -2.47 -29.57
N GLU B 64 -28.83 -3.62 -28.94
CA GLU B 64 -28.74 -3.70 -27.45
C GLU B 64 -27.30 -3.58 -26.99
N VAL B 65 -26.36 -4.10 -27.78
CA VAL B 65 -24.94 -3.94 -27.46
C VAL B 65 -24.58 -2.45 -27.51
N LYS B 66 -25.05 -1.75 -28.54
CA LYS B 66 -24.78 -0.31 -28.66
C LYS B 66 -25.40 0.49 -27.49
N GLU B 67 -26.60 0.12 -27.09
N GLU B 67 -26.61 0.12 -27.07
CA GLU B 67 -27.30 0.78 -25.98
CA GLU B 67 -27.27 0.83 -25.97
C GLU B 67 -26.45 0.76 -24.71
C GLU B 67 -26.41 0.78 -24.70
N VAL B 68 -25.89 -0.41 -24.39
CA VAL B 68 -25.03 -0.56 -23.21
C VAL B 68 -23.77 0.28 -23.37
N LEU B 69 -23.18 0.22 -24.55
CA LEU B 69 -21.97 0.98 -24.84
C LEU B 69 -22.17 2.48 -24.60
N TYR B 70 -23.33 3.02 -25.05
CA TYR B 70 -23.67 4.44 -24.85
C TYR B 70 -23.64 4.81 -23.39
N GLU B 71 -24.38 4.04 -22.59
CA GLU B 71 -24.46 4.28 -21.16
C GLU B 71 -23.11 4.11 -20.48
N LEU B 72 -22.44 3.02 -20.78
CA LEU B 72 -21.14 2.75 -20.22
C LEU B 72 -20.20 3.92 -20.48
N ARG B 73 -20.18 4.40 -21.72
CA ARG B 73 -19.29 5.48 -22.12
C ARG B 73 -19.54 6.70 -21.24
N SER B 74 -20.83 7.00 -21.03
N SER B 74 -20.83 7.00 -21.04
CA SER B 74 -21.24 8.17 -20.25
CA SER B 74 -21.24 8.17 -20.25
C SER B 74 -20.75 8.11 -18.80
C SER B 74 -20.75 8.11 -18.81
N TYR B 75 -20.68 6.91 -18.22
CA TYR B 75 -20.21 6.73 -16.84
C TYR B 75 -18.68 6.71 -16.67
N ILE B 76 -17.95 6.15 -17.63
CA ILE B 76 -16.48 6.05 -17.47
C ILE B 76 -15.74 7.24 -18.06
N HIS B 77 -16.49 8.13 -18.71
CA HIS B 77 -15.97 9.36 -19.28
C HIS B 77 -14.81 9.13 -20.25
N ASP B 78 -13.61 9.58 -19.90
CA ASP B 78 -12.49 9.47 -20.81
C ASP B 78 -11.54 8.33 -20.48
N ILE B 79 -11.97 7.37 -19.68
CA ILE B 79 -11.13 6.19 -19.41
C ILE B 79 -11.07 5.35 -20.70
N PRO B 80 -9.87 4.95 -21.13
CA PRO B 80 -9.82 4.12 -22.34
C PRO B 80 -10.66 2.84 -22.20
N LEU B 81 -11.42 2.51 -23.24
CA LEU B 81 -12.27 1.33 -23.23
C LEU B 81 -11.84 0.35 -24.29
N LEU B 82 -11.58 -0.88 -23.85
CA LEU B 82 -11.23 -2.01 -24.72
C LEU B 82 -12.48 -2.88 -24.92
N PHE B 83 -12.83 -3.18 -26.16
CA PHE B 83 -13.99 -4.01 -26.50
C PHE B 83 -13.47 -5.38 -26.89
N THR B 84 -13.92 -6.42 -26.18
CA THR B 84 -13.45 -7.78 -26.43
C THR B 84 -14.58 -8.80 -26.45
N PHE B 85 -14.79 -9.45 -27.60
CA PHE B 85 -15.67 -10.63 -27.65
C PHE B 85 -14.70 -11.81 -27.69
N ARG B 86 -14.57 -12.51 -26.55
CA ARG B 86 -13.71 -13.67 -26.42
C ARG B 86 -14.48 -14.89 -26.90
N SER B 87 -13.97 -15.57 -27.93
CA SER B 87 -14.69 -16.71 -28.48
C SER B 87 -14.56 -17.95 -27.57
N VAL B 88 -15.51 -18.86 -27.74
CA VAL B 88 -15.56 -20.09 -26.96
C VAL B 88 -14.27 -20.88 -27.02
N VAL B 89 -13.66 -20.94 -28.20
CA VAL B 89 -12.45 -21.74 -28.36
C VAL B 89 -11.29 -21.16 -27.54
N GLU B 90 -11.36 -19.87 -27.20
CA GLU B 90 -10.31 -19.25 -26.42
C GLU B 90 -10.77 -18.81 -25.01
N GLY B 91 -11.77 -19.53 -24.47
CA GLY B 91 -12.24 -19.32 -23.11
C GLY B 91 -13.54 -18.58 -22.91
N GLY B 92 -14.18 -18.19 -24.01
CA GLY B 92 -15.39 -17.39 -23.98
C GLY B 92 -16.68 -18.07 -23.58
N GLU B 93 -17.73 -17.26 -23.47
CA GLU B 93 -19.03 -17.70 -22.97
C GLU B 93 -20.14 -17.96 -23.99
N LYS B 94 -19.98 -17.49 -25.21
CA LYS B 94 -21.07 -17.53 -26.17
C LYS B 94 -20.65 -17.89 -27.59
N LEU B 95 -21.31 -18.89 -28.17
CA LEU B 95 -21.07 -19.25 -29.56
C LEU B 95 -21.74 -18.24 -30.49
N ILE B 96 -20.99 -17.72 -31.44
CA ILE B 96 -21.54 -16.85 -32.50
C ILE B 96 -20.86 -17.19 -33.82
N SER B 97 -21.44 -16.73 -34.92
CA SER B 97 -20.86 -17.01 -36.20
C SER B 97 -19.66 -16.13 -36.48
N ARG B 98 -18.88 -16.59 -37.45
N ARG B 98 -18.87 -16.58 -37.45
CA ARG B 98 -17.71 -15.88 -37.94
CA ARG B 98 -17.69 -15.88 -37.93
C ARG B 98 -18.14 -14.54 -38.54
C ARG B 98 -18.13 -14.53 -38.54
N ASP B 99 -19.22 -14.56 -39.30
CA ASP B 99 -19.75 -13.36 -39.91
C ASP B 99 -20.22 -12.36 -38.85
N TYR B 100 -20.87 -12.86 -37.79
CA TYR B 100 -21.33 -11.93 -36.75
C TYR B 100 -20.15 -11.39 -35.96
N TYR B 101 -19.11 -12.20 -35.76
CA TYR B 101 -17.93 -11.73 -35.03
C TYR B 101 -17.34 -10.52 -35.73
N THR B 102 -17.24 -10.63 -37.05
CA THR B 102 -16.71 -9.56 -37.90
C THR B 102 -17.62 -8.33 -37.85
N THR B 103 -18.90 -8.54 -38.04
CA THR B 103 -19.89 -7.45 -38.01
C THR B 103 -19.91 -6.74 -36.67
N LEU B 104 -19.96 -7.51 -35.58
CA LEU B 104 -19.96 -6.92 -34.24
C LEU B 104 -18.76 -5.98 -34.04
N ASN B 105 -17.56 -6.49 -34.29
CA ASN B 105 -16.37 -5.67 -34.11
C ASN B 105 -16.31 -4.45 -35.01
N LYS B 106 -16.75 -4.59 -36.25
CA LYS B 106 -16.75 -3.47 -37.17
C LYS B 106 -17.77 -2.42 -36.75
N GLU B 107 -18.97 -2.86 -36.44
CA GLU B 107 -20.03 -1.94 -36.05
C GLU B 107 -19.68 -1.19 -34.79
N ILE B 108 -19.07 -1.88 -33.83
CA ILE B 108 -18.73 -1.24 -32.58
C ILE B 108 -17.56 -0.29 -32.79
N SER B 109 -16.58 -0.67 -33.63
CA SER B 109 -15.46 0.24 -33.95
C SER B 109 -15.99 1.50 -34.61
N ASN B 110 -17.05 1.34 -35.40
CA ASN B 110 -17.65 2.46 -36.12
C ASN B 110 -18.33 3.51 -35.22
N THR B 111 -18.74 3.11 -34.01
CA THR B 111 -19.42 4.06 -33.10
C THR B 111 -18.53 5.20 -32.64
N GLY B 112 -17.22 4.98 -32.63
CA GLY B 112 -16.29 5.96 -32.10
C GLY B 112 -16.26 5.92 -30.57
N LEU B 113 -16.99 4.97 -29.97
CA LEU B 113 -17.06 4.88 -28.51
C LEU B 113 -16.01 3.95 -27.87
N VAL B 114 -15.33 3.13 -28.67
CA VAL B 114 -14.27 2.24 -28.13
C VAL B 114 -12.90 2.69 -28.60
N ASP B 115 -11.91 2.56 -27.72
CA ASP B 115 -10.55 3.01 -27.99
C ASP B 115 -9.67 1.90 -28.53
N LEU B 116 -9.97 0.66 -28.11
CA LEU B 116 -9.29 -0.55 -28.58
C LEU B 116 -10.29 -1.68 -28.73
N ILE B 117 -9.94 -2.64 -29.58
CA ILE B 117 -10.70 -3.87 -29.72
C ILE B 117 -9.72 -5.02 -29.69
N ASP B 118 -10.17 -6.18 -29.23
CA ASP B 118 -9.33 -7.38 -29.18
C ASP B 118 -9.85 -8.36 -30.24
N VAL B 119 -8.99 -8.68 -31.21
CA VAL B 119 -9.34 -9.64 -32.24
C VAL B 119 -8.40 -10.87 -32.13
N GLU B 120 -8.95 -12.05 -32.29
CA GLU B 120 -8.19 -13.29 -32.13
C GLU B 120 -7.44 -13.73 -33.39
N LEU B 121 -6.13 -13.98 -33.24
CA LEU B 121 -5.27 -14.48 -34.33
C LEU B 121 -5.90 -15.69 -35.06
N PHE B 122 -6.50 -16.56 -34.28
CA PHE B 122 -7.05 -17.81 -34.77
C PHE B 122 -8.26 -17.66 -35.74
N MET B 123 -8.86 -16.47 -35.75
N MET B 123 -8.86 -16.47 -35.75
CA MET B 123 -9.97 -16.21 -36.69
CA MET B 123 -9.96 -16.19 -36.68
C MET B 123 -9.48 -16.21 -38.14
C MET B 123 -9.48 -16.20 -38.14
N GLY B 124 -8.18 -16.04 -38.35
CA GLY B 124 -7.60 -16.10 -39.69
C GLY B 124 -7.39 -14.75 -40.36
N ASP B 125 -6.53 -14.74 -41.37
CA ASP B 125 -6.17 -13.51 -42.08
C ASP B 125 -7.33 -12.74 -42.70
N GLU B 126 -8.32 -13.44 -43.25
N GLU B 126 -8.32 -13.45 -43.23
CA GLU B 126 -9.42 -12.75 -43.91
CA GLU B 126 -9.45 -12.79 -43.89
C GLU B 126 -10.27 -11.93 -42.92
C GLU B 126 -10.22 -11.93 -42.90
N VAL B 127 -10.57 -12.51 -41.77
CA VAL B 127 -11.32 -11.80 -40.74
C VAL B 127 -10.47 -10.68 -40.16
N ILE B 128 -9.25 -11.01 -39.77
CA ILE B 128 -8.31 -10.06 -39.18
C ILE B 128 -8.04 -8.87 -40.09
N ASP B 129 -7.74 -9.13 -41.36
CA ASP B 129 -7.50 -8.03 -42.31
C ASP B 129 -8.68 -7.09 -42.38
N GLU B 130 -9.87 -7.64 -42.44
CA GLU B 130 -11.07 -6.81 -42.53
C GLU B 130 -11.29 -5.97 -41.26
N VAL B 131 -11.21 -6.62 -40.10
CA VAL B 131 -11.46 -5.92 -38.85
C VAL B 131 -10.34 -4.94 -38.50
N VAL B 132 -9.08 -5.33 -38.72
CA VAL B 132 -7.97 -4.42 -38.40
C VAL B 132 -7.98 -3.18 -39.28
N ASN B 133 -8.15 -3.35 -40.58
CA ASN B 133 -8.15 -2.22 -41.50
C ASN B 133 -9.28 -1.24 -41.16
N PHE B 134 -10.45 -1.78 -40.82
CA PHE B 134 -11.58 -0.93 -40.49
C PHE B 134 -11.37 -0.19 -39.17
N ALA B 135 -10.89 -0.90 -38.16
CA ALA B 135 -10.57 -0.29 -36.88
C ALA B 135 -9.60 0.86 -37.10
N HIS B 136 -8.57 0.65 -37.90
CA HIS B 136 -7.60 1.72 -38.13
C HIS B 136 -8.19 2.90 -38.86
N LYS B 137 -9.12 2.63 -39.78
CA LYS B 137 -9.80 3.70 -40.47
C LYS B 137 -10.54 4.58 -39.45
N LYS B 138 -11.01 3.98 -38.36
CA LYS B 138 -11.74 4.70 -37.31
C LYS B 138 -10.86 5.10 -36.11
N GLU B 139 -9.54 5.01 -36.26
CA GLU B 139 -8.61 5.40 -35.20
C GLU B 139 -8.78 4.58 -33.90
N VAL B 140 -9.15 3.33 -34.07
CA VAL B 140 -9.30 2.39 -32.98
C VAL B 140 -8.03 1.52 -32.97
N LYS B 141 -7.45 1.33 -31.77
CA LYS B 141 -6.26 0.50 -31.63
C LYS B 141 -6.64 -0.98 -31.57
N VAL B 142 -5.75 -1.84 -32.05
CA VAL B 142 -6.09 -3.25 -32.09
C VAL B 142 -5.11 -4.13 -31.34
N ILE B 143 -5.69 -4.96 -30.49
CA ILE B 143 -4.97 -6.01 -29.82
C ILE B 143 -5.29 -7.27 -30.65
N ILE B 144 -4.27 -7.99 -31.11
CA ILE B 144 -4.51 -9.29 -31.75
C ILE B 144 -4.08 -10.28 -30.68
N SER B 145 -4.96 -11.16 -30.27
CA SER B 145 -4.65 -12.07 -29.18
C SER B 145 -4.64 -13.54 -29.55
N ASN B 146 -3.94 -14.31 -28.74
CA ASN B 146 -3.87 -15.77 -28.88
C ASN B 146 -3.74 -16.37 -27.49
N HIS B 147 -4.40 -17.51 -27.28
CA HIS B 147 -4.39 -18.20 -25.99
C HIS B 147 -4.11 -19.69 -26.13
N ASP B 148 -3.41 -20.23 -25.13
CA ASP B 148 -3.25 -21.65 -25.04
C ASP B 148 -3.55 -21.97 -23.59
N PHE B 149 -4.64 -22.70 -23.37
CA PHE B 149 -5.04 -23.07 -22.01
C PHE B 149 -4.47 -24.38 -21.49
N ASN B 150 -3.67 -25.06 -22.30
CA ASN B 150 -3.14 -26.39 -21.92
C ASN B 150 -1.62 -26.47 -21.80
N LYS B 151 -0.90 -25.58 -22.47
CA LYS B 151 0.56 -25.64 -22.43
C LYS B 151 1.19 -24.28 -22.70
N THR B 152 2.51 -24.24 -22.51
CA THR B 152 3.31 -23.07 -22.83
C THR B 152 4.17 -23.44 -24.04
N PRO B 153 3.85 -22.86 -25.21
CA PRO B 153 4.65 -23.19 -26.37
C PRO B 153 6.12 -22.76 -26.14
N LYS B 154 7.03 -23.34 -26.91
N LYS B 154 7.04 -23.36 -26.87
CA LYS B 154 8.44 -23.01 -26.78
CA LYS B 154 8.46 -23.01 -26.72
C LYS B 154 8.68 -21.52 -27.04
C LYS B 154 8.68 -21.53 -27.02
N LYS B 155 9.78 -21.00 -26.50
CA LYS B 155 10.13 -19.58 -26.68
C LYS B 155 9.97 -19.11 -28.15
N GLU B 156 10.58 -19.85 -29.07
CA GLU B 156 10.56 -19.47 -30.48
C GLU B 156 9.14 -19.48 -31.06
N GLU B 157 8.26 -20.37 -30.56
CA GLU B 157 6.87 -20.40 -31.00
C GLU B 157 6.16 -19.14 -30.52
N ILE B 158 6.37 -18.79 -29.26
CA ILE B 158 5.75 -17.58 -28.69
C ILE B 158 6.21 -16.34 -29.50
N VAL B 159 7.53 -16.24 -29.72
CA VAL B 159 8.06 -15.12 -30.50
C VAL B 159 7.48 -15.12 -31.93
N SER B 160 7.31 -16.31 -32.54
CA SER B 160 6.79 -16.40 -33.91
C SER B 160 5.35 -15.89 -33.99
N ARG B 161 4.54 -16.19 -32.97
CA ARG B 161 3.16 -15.73 -32.96
C ARG B 161 3.09 -14.22 -32.75
N LEU B 162 3.89 -13.71 -31.83
CA LEU B 162 3.92 -12.26 -31.57
C LEU B 162 4.40 -11.50 -32.82
N CYS B 163 5.41 -12.04 -33.52
CA CYS B 163 5.87 -11.44 -34.78
C CYS B 163 4.75 -11.47 -35.84
N ARG B 164 4.00 -12.56 -35.90
CA ARG B 164 2.90 -12.65 -36.87
C ARG B 164 1.84 -11.57 -36.58
N MET B 165 1.58 -11.34 -35.29
CA MET B 165 0.62 -10.32 -34.87
C MET B 165 1.09 -8.93 -35.30
N GLN B 166 2.39 -8.68 -35.23
CA GLN B 166 2.92 -7.40 -35.75
C GLN B 166 2.70 -7.31 -37.25
N GLU B 167 2.99 -8.40 -37.96
CA GLU B 167 2.83 -8.43 -39.41
C GLU B 167 1.38 -8.18 -39.84
N LEU B 168 0.45 -8.63 -39.02
CA LEU B 168 -0.98 -8.45 -39.28
C LEU B 168 -1.49 -7.05 -38.89
N GLY B 169 -0.61 -6.21 -38.37
CA GLY B 169 -0.97 -4.84 -38.02
C GLY B 169 -1.49 -4.64 -36.61
N ALA B 170 -1.30 -5.61 -35.71
CA ALA B 170 -1.73 -5.37 -34.32
C ALA B 170 -0.96 -4.18 -33.76
N ASP B 171 -1.65 -3.28 -33.07
CA ASP B 171 -0.97 -2.24 -32.37
C ASP B 171 -0.35 -2.85 -31.11
N LEU B 172 -0.99 -3.90 -30.59
CA LEU B 172 -0.59 -4.55 -29.35
C LEU B 172 -0.78 -6.08 -29.41
N PRO B 173 0.26 -6.80 -29.82
CA PRO B 173 0.21 -8.26 -29.78
C PRO B 173 0.00 -8.75 -28.35
N LYS B 174 -0.84 -9.76 -28.18
CA LYS B 174 -1.12 -10.29 -26.86
C LYS B 174 -1.11 -11.81 -26.88
N ILE B 175 -0.42 -12.40 -25.92
CA ILE B 175 -0.41 -13.84 -25.77
C ILE B 175 -0.55 -14.26 -24.34
N ALA B 176 -1.41 -15.23 -24.12
CA ALA B 176 -1.65 -15.80 -22.79
C ALA B 176 -1.47 -17.32 -22.90
N VAL B 177 -0.63 -17.88 -22.04
CA VAL B 177 -0.31 -19.31 -22.08
C VAL B 177 -0.45 -19.95 -20.69
N MET B 178 -0.57 -21.27 -20.67
CA MET B 178 -0.77 -21.99 -19.42
C MET B 178 0.49 -22.77 -19.04
N PRO B 179 1.07 -22.47 -17.85
CA PRO B 179 2.25 -23.25 -17.50
C PRO B 179 1.87 -24.63 -16.99
N GLN B 180 2.68 -25.63 -17.31
CA GLN B 180 2.52 -26.97 -16.78
C GLN B 180 3.52 -27.16 -15.63
N ASN B 181 4.48 -26.25 -15.53
CA ASN B 181 5.49 -26.29 -14.48
C ASN B 181 6.10 -24.91 -14.29
N GLU B 182 6.95 -24.78 -13.28
CA GLU B 182 7.54 -23.50 -12.96
C GLU B 182 8.42 -23.00 -14.09
N LYS B 183 9.16 -23.92 -14.71
CA LYS B 183 10.05 -23.52 -15.80
C LYS B 183 9.27 -22.87 -16.94
N ASP B 184 8.03 -23.33 -17.17
CA ASP B 184 7.14 -22.76 -18.24
C ASP B 184 6.84 -21.28 -18.02
N VAL B 185 6.68 -20.90 -16.76
CA VAL B 185 6.46 -19.48 -16.41
C VAL B 185 7.69 -18.68 -16.84
N LEU B 186 8.88 -19.22 -16.55
CA LEU B 186 10.12 -18.55 -16.92
C LEU B 186 10.27 -18.47 -18.45
N VAL B 187 9.83 -19.50 -19.17
CA VAL B 187 9.89 -19.48 -20.66
C VAL B 187 9.04 -18.32 -21.23
N LEU B 188 7.84 -18.17 -20.69
CA LEU B 188 6.96 -17.07 -21.09
C LEU B 188 7.67 -15.73 -20.87
N LEU B 189 8.30 -15.58 -19.70
CA LEU B 189 9.04 -14.36 -19.38
C LEU B 189 10.28 -14.18 -20.29
N GLU B 190 10.97 -15.27 -20.57
CA GLU B 190 12.14 -15.24 -21.48
C GLU B 190 11.74 -14.82 -22.91
N ALA B 191 10.65 -15.40 -23.40
CA ALA B 191 10.10 -15.08 -24.72
C ALA B 191 9.68 -13.62 -24.76
N THR B 192 9.01 -13.17 -23.70
CA THR B 192 8.58 -11.77 -23.59
C THR B 192 9.76 -10.81 -23.76
N ASN B 193 10.84 -11.07 -23.03
CA ASN B 193 11.96 -10.15 -23.06
C ASN B 193 12.74 -10.23 -24.37
N GLU B 194 12.84 -11.41 -24.95
CA GLU B 194 13.52 -11.56 -26.25
C GLU B 194 12.76 -10.77 -27.32
N MET B 195 11.42 -10.87 -27.30
CA MET B 195 10.59 -10.13 -28.22
C MET B 195 10.78 -8.63 -27.97
N PHE B 196 10.64 -8.22 -26.71
CA PHE B 196 10.80 -6.83 -26.32
C PHE B 196 12.12 -6.24 -26.79
N LYS B 197 13.19 -6.99 -26.58
CA LYS B 197 14.53 -6.51 -26.90
C LYS B 197 14.97 -6.59 -28.35
N ILE B 198 14.61 -7.69 -29.02
CA ILE B 198 15.11 -7.99 -30.36
C ILE B 198 14.14 -7.78 -31.51
N TYR B 199 12.89 -8.25 -31.37
CA TYR B 199 11.93 -8.25 -32.50
C TYR B 199 10.81 -7.23 -32.50
N ALA B 200 10.39 -6.77 -31.33
CA ALA B 200 9.26 -5.87 -31.24
C ALA B 200 9.54 -4.44 -31.67
N ASP B 201 8.64 -3.87 -32.45
CA ASP B 201 8.74 -2.45 -32.78
C ASP B 201 7.51 -1.73 -32.25
N ARG B 202 6.82 -2.38 -31.30
CA ARG B 202 5.63 -1.83 -30.64
C ARG B 202 5.46 -2.54 -29.29
N PRO B 203 4.55 -2.05 -28.44
CA PRO B 203 4.41 -2.71 -27.14
C PRO B 203 3.69 -4.04 -27.29
N ILE B 204 4.00 -4.97 -26.40
CA ILE B 204 3.42 -6.29 -26.38
C ILE B 204 2.83 -6.57 -25.01
N ILE B 205 1.91 -7.53 -25.00
CA ILE B 205 1.19 -7.95 -23.81
C ILE B 205 1.35 -9.45 -23.68
N THR B 206 1.85 -9.92 -22.54
CA THR B 206 2.01 -11.35 -22.31
C THR B 206 1.68 -11.72 -20.91
N MET B 207 1.21 -12.96 -20.74
N MET B 207 1.26 -12.97 -20.74
CA MET B 207 0.95 -13.49 -19.40
CA MET B 207 0.91 -13.50 -19.44
C MET B 207 1.00 -15.00 -19.37
C MET B 207 0.94 -15.01 -19.37
N SER B 208 1.32 -15.50 -18.20
CA SER B 208 1.35 -16.90 -17.87
C SER B 208 0.21 -17.00 -16.88
N MET B 209 -0.77 -17.82 -17.19
CA MET B 209 -1.97 -17.95 -16.38
C MET B 209 -1.76 -18.89 -15.17
N SER B 210 -2.82 -19.01 -14.35
CA SER B 210 -2.84 -19.83 -13.11
C SER B 210 -2.03 -19.16 -11.98
N GLY B 211 -2.13 -19.74 -10.76
CA GLY B 211 -1.41 -19.22 -9.57
C GLY B 211 0.08 -19.19 -9.78
N MET B 212 0.59 -20.22 -10.42
CA MET B 212 1.99 -20.36 -10.73
C MET B 212 2.51 -19.22 -11.64
N GLY B 213 1.65 -18.69 -12.51
CA GLY B 213 2.08 -17.67 -13.47
C GLY B 213 1.92 -16.22 -13.05
N VAL B 214 1.45 -15.98 -11.84
CA VAL B 214 1.16 -14.60 -11.36
C VAL B 214 2.32 -13.61 -11.48
N ILE B 215 3.55 -14.08 -11.29
CA ILE B 215 4.72 -13.21 -11.45
C ILE B 215 4.66 -12.48 -12.78
N SER B 216 4.12 -13.16 -13.80
CA SER B 216 4.04 -12.60 -15.13
C SER B 216 3.10 -11.39 -15.20
N ARG B 217 2.26 -11.23 -14.18
CA ARG B 217 1.32 -10.09 -14.12
C ARG B 217 1.95 -8.93 -13.38
N LEU B 218 3.06 -9.21 -12.70
CA LEU B 218 3.68 -8.20 -11.84
C LEU B 218 4.92 -7.57 -12.41
N CYS B 219 5.65 -8.30 -13.24
CA CYS B 219 6.99 -7.89 -13.66
C CYS B 219 7.11 -7.33 -15.07
N GLY B 220 6.05 -6.75 -15.59
CA GLY B 220 6.06 -6.18 -16.93
C GLY B 220 7.09 -5.09 -17.16
N GLU B 221 7.33 -4.25 -16.17
CA GLU B 221 8.27 -3.16 -16.36
C GLU B 221 9.67 -3.69 -16.62
N ILE B 222 10.02 -4.79 -16.00
CA ILE B 222 11.34 -5.36 -16.22
C ILE B 222 11.42 -6.26 -17.46
N PHE B 223 10.45 -7.16 -17.63
CA PHE B 223 10.52 -8.11 -18.73
C PHE B 223 9.90 -7.68 -20.05
N GLY B 224 8.96 -6.74 -20.00
CA GLY B 224 8.44 -6.15 -21.22
C GLY B 224 6.96 -6.12 -21.49
N SER B 225 6.13 -6.77 -20.66
CA SER B 225 4.69 -6.73 -20.93
C SER B 225 4.17 -5.33 -20.58
N ALA B 226 3.47 -4.72 -21.53
CA ALA B 226 3.01 -3.32 -21.43
C ALA B 226 1.68 -3.12 -20.73
N LEU B 227 0.91 -4.19 -20.60
N LEU B 227 0.88 -4.18 -20.64
CA LEU B 227 -0.43 -4.14 -20.01
CA LEU B 227 -0.40 -4.13 -19.96
C LEU B 227 -0.65 -5.38 -19.13
C LEU B 227 -0.51 -5.35 -19.05
N THR B 228 -1.22 -5.20 -17.94
CA THR B 228 -1.47 -6.29 -17.04
C THR B 228 -2.94 -6.21 -16.61
N PHE B 229 -3.55 -7.37 -16.42
CA PHE B 229 -4.98 -7.44 -16.11
C PHE B 229 -5.25 -7.80 -14.66
N GLY B 230 -6.07 -6.98 -14.01
CA GLY B 230 -6.45 -7.20 -12.61
C GLY B 230 -7.94 -7.58 -12.56
N ALA B 231 -8.35 -8.21 -11.48
CA ALA B 231 -9.74 -8.58 -11.32
C ALA B 231 -10.47 -7.46 -10.59
N ALA B 232 -11.74 -7.27 -10.91
CA ALA B 232 -12.56 -6.22 -10.27
C ALA B 232 -12.73 -6.49 -8.79
N LYS B 233 -13.23 -7.68 -8.47
CA LYS B 233 -13.43 -8.06 -7.07
C LYS B 233 -12.10 -8.41 -6.40
N SER B 234 -12.15 -8.56 -5.08
CA SER B 234 -10.96 -8.91 -4.28
C SER B 234 -10.86 -10.43 -3.99
N VAL B 235 -11.54 -11.23 -4.82
CA VAL B 235 -11.51 -12.69 -4.71
C VAL B 235 -10.83 -13.28 -5.97
N SER B 236 -9.88 -14.18 -5.76
CA SER B 236 -9.13 -14.79 -6.88
C SER B 236 -9.93 -15.87 -7.60
N ALA B 237 -9.40 -16.35 -8.73
CA ALA B 237 -10.04 -17.40 -9.53
C ALA B 237 -9.77 -18.84 -9.04
N PRO B 238 -8.53 -19.13 -8.53
CA PRO B 238 -7.33 -18.32 -8.30
C PRO B 238 -6.53 -18.00 -9.57
N GLY B 239 -5.34 -17.44 -9.39
CA GLY B 239 -4.51 -17.03 -10.52
C GLY B 239 -4.81 -15.58 -10.95
N GLN B 240 -5.65 -14.90 -10.16
N GLN B 240 -5.63 -14.89 -10.15
CA GLN B 240 -6.03 -13.51 -10.41
CA GLN B 240 -6.01 -13.51 -10.39
C GLN B 240 -5.60 -12.62 -9.24
C GLN B 240 -5.55 -12.63 -9.24
N ILE B 241 -5.41 -11.35 -9.51
CA ILE B 241 -5.00 -10.39 -8.49
C ILE B 241 -5.97 -9.20 -8.60
N SER B 242 -6.55 -8.78 -7.48
CA SER B 242 -7.50 -7.64 -7.53
C SER B 242 -6.70 -6.43 -7.99
N PHE B 243 -7.34 -5.55 -8.75
CA PHE B 243 -6.62 -4.43 -9.38
C PHE B 243 -5.98 -3.45 -8.41
N LYS B 244 -6.57 -3.30 -7.23
CA LYS B 244 -6.00 -2.39 -6.21
C LYS B 244 -4.65 -2.92 -5.75
N GLU B 245 -4.62 -4.21 -5.44
CA GLU B 245 -3.40 -4.85 -4.98
C GLU B 245 -2.37 -4.91 -6.10
N LEU B 246 -2.83 -5.06 -7.33
CA LEU B 246 -1.94 -5.09 -8.48
C LEU B 246 -1.30 -3.70 -8.64
N ASN B 247 -2.10 -2.66 -8.47
CA ASN B 247 -1.60 -1.30 -8.56
C ASN B 247 -0.48 -1.06 -7.54
N SER B 248 -0.70 -1.52 -6.30
CA SER B 248 0.28 -1.36 -5.25
C SER B 248 1.61 -2.03 -5.59
N VAL B 249 1.54 -3.26 -6.09
CA VAL B 249 2.76 -3.99 -6.45
C VAL B 249 3.51 -3.32 -7.61
N LEU B 250 2.78 -2.87 -8.63
CA LEU B 250 3.40 -2.20 -9.76
C LEU B 250 4.13 -0.93 -9.33
N ASN B 251 3.54 -0.18 -8.39
CA ASN B 251 4.18 1.04 -7.90
C ASN B 251 5.42 0.72 -7.10
N LEU B 252 5.35 -0.37 -6.33
CA LEU B 252 6.50 -0.81 -5.54
C LEU B 252 7.69 -1.20 -6.46
N LEU B 253 7.39 -1.88 -7.57
CA LEU B 253 8.44 -2.29 -8.52
C LEU B 253 8.94 -1.10 -9.38
N HIS B 254 8.07 -0.14 -9.67
CA HIS B 254 8.46 1.04 -10.45
C HIS B 254 9.51 1.83 -9.67
N LYS B 255 9.29 1.97 -8.37
CA LYS B 255 10.19 2.73 -7.51
C LYS B 255 11.47 1.98 -7.12
N SER B 256 11.45 0.64 -7.18
CA SER B 256 12.66 -0.15 -6.89
C SER B 256 13.72 0.18 -7.97
N ILE B 257 13.23 0.52 -9.18
CA ILE B 257 14.07 1.02 -10.30
C ILE B 257 13.26 1.03 -11.59
N MET C 4 -26.47 22.51 -3.77
CA MET C 4 -26.80 23.84 -4.36
C MET C 4 -25.56 24.75 -4.34
N LYS C 5 -24.58 24.35 -3.53
CA LYS C 5 -23.30 25.06 -3.41
C LYS C 5 -22.55 24.89 -4.71
N ARG C 6 -22.01 25.97 -5.25
N ARG C 6 -21.96 25.97 -5.20
CA ARG C 6 -21.34 25.85 -6.54
CA ARG C 6 -21.21 25.94 -6.43
C ARG C 6 -20.05 25.02 -6.41
C ARG C 6 -20.05 24.95 -6.35
N LYS C 7 -19.79 24.25 -7.45
CA LYS C 7 -18.64 23.40 -7.54
C LYS C 7 -17.79 24.24 -8.48
N VAL C 8 -16.59 23.79 -8.77
CA VAL C 8 -15.72 24.47 -9.69
C VAL C 8 -15.29 23.42 -10.72
N GLN C 9 -15.70 23.62 -11.97
CA GLN C 9 -15.39 22.64 -13.02
C GLN C 9 -14.12 23.03 -13.76
N VAL C 10 -13.16 22.12 -13.84
CA VAL C 10 -11.91 22.33 -14.60
C VAL C 10 -11.73 21.09 -15.48
N LYS C 11 -11.90 21.29 -16.77
CA LYS C 11 -11.94 20.20 -17.74
C LYS C 11 -12.98 19.21 -17.25
N ASN C 12 -12.61 17.95 -17.04
CA ASN C 12 -13.59 16.94 -16.60
C ASN C 12 -13.55 16.69 -15.08
N ILE C 13 -12.90 17.56 -14.34
CA ILE C 13 -12.79 17.40 -12.90
C ILE C 13 -13.75 18.37 -12.19
N THR C 14 -14.64 17.83 -11.36
CA THR C 14 -15.58 18.65 -10.61
C THR C 14 -15.08 18.87 -9.17
N ILE C 15 -14.46 20.01 -8.92
CA ILE C 15 -13.96 20.29 -7.58
C ILE C 15 -15.13 20.64 -6.68
N GLY C 16 -15.21 19.97 -5.52
CA GLY C 16 -16.29 20.22 -4.54
C GLY C 16 -17.34 19.13 -4.51
N GLU C 17 -17.15 18.12 -5.35
CA GLU C 17 -18.05 17.00 -5.39
C GLU C 17 -17.28 15.76 -5.00
N GLY C 18 -17.89 14.92 -4.16
CA GLY C 18 -17.30 13.66 -3.74
C GLY C 18 -15.97 13.80 -3.00
N ARG C 19 -15.05 12.87 -3.25
CA ARG C 19 -13.76 12.90 -2.56
C ARG C 19 -12.95 14.10 -3.02
N PRO C 20 -12.00 14.56 -2.18
CA PRO C 20 -11.17 15.66 -2.57
C PRO C 20 -10.33 15.29 -3.78
N LYS C 21 -10.00 16.26 -4.59
CA LYS C 21 -9.18 16.02 -5.76
C LYS C 21 -7.70 16.13 -5.37
N ILE C 22 -6.88 15.31 -6.04
CA ILE C 22 -5.46 15.22 -5.73
C ILE C 22 -4.65 16.08 -6.71
N CYS C 23 -3.84 17.00 -6.17
N CYS C 23 -3.84 16.98 -6.16
CA CYS C 23 -2.99 17.89 -6.98
CA CYS C 23 -2.97 17.84 -6.94
C CYS C 23 -1.53 17.64 -6.65
C CYS C 23 -1.54 17.46 -6.66
N VAL C 24 -0.70 17.52 -7.69
CA VAL C 24 0.71 17.19 -7.52
C VAL C 24 1.57 18.22 -8.22
N PRO C 25 2.58 18.76 -7.51
CA PRO C 25 3.39 19.77 -8.16
C PRO C 25 4.60 19.27 -8.95
N ILE C 26 4.95 20.06 -9.96
CA ILE C 26 6.14 19.90 -10.78
C ILE C 26 7.02 21.05 -10.30
N ILE C 27 8.23 20.75 -9.89
CA ILE C 27 9.11 21.77 -9.29
C ILE C 27 10.46 21.83 -9.99
N GLY C 28 10.49 21.36 -11.24
CA GLY C 28 11.70 21.32 -12.06
C GLY C 28 12.37 22.66 -12.27
N LYS C 29 13.70 22.66 -12.30
N LYS C 29 13.70 22.63 -12.30
CA LYS C 29 14.42 23.90 -12.41
CA LYS C 29 14.52 23.82 -12.42
C LYS C 29 14.60 24.32 -13.89
C LYS C 29 14.60 24.31 -13.87
N ASN C 30 14.46 23.37 -14.82
CA ASN C 30 14.57 23.66 -16.26
C ASN C 30 13.55 22.88 -17.06
N LYS C 31 13.46 23.19 -18.35
CA LYS C 31 12.46 22.57 -19.22
C LYS C 31 12.56 21.04 -19.24
N LYS C 32 13.76 20.51 -19.41
CA LYS C 32 13.93 19.05 -19.46
C LYS C 32 13.47 18.36 -18.18
N ASP C 33 13.85 18.91 -17.05
CA ASP C 33 13.40 18.34 -15.77
C ASP C 33 11.88 18.43 -15.61
N ILE C 34 11.30 19.57 -15.97
CA ILE C 34 9.84 19.78 -15.88
C ILE C 34 9.11 18.75 -16.73
N ILE C 35 9.60 18.53 -17.96
CA ILE C 35 8.95 17.57 -18.85
C ILE C 35 9.10 16.16 -18.32
N LYS C 36 10.28 15.82 -17.84
CA LYS C 36 10.53 14.52 -17.23
C LYS C 36 9.54 14.26 -16.09
N GLU C 37 9.29 15.26 -15.27
CA GLU C 37 8.34 15.14 -14.17
C GLU C 37 6.94 14.95 -14.72
N ALA C 38 6.58 15.75 -15.71
CA ALA C 38 5.28 15.67 -16.34
C ALA C 38 5.03 14.27 -16.87
N LYS C 39 6.04 13.66 -17.49
CA LYS C 39 5.90 12.30 -18.02
C LYS C 39 5.61 11.29 -16.90
N GLU C 40 6.18 11.48 -15.71
CA GLU C 40 5.87 10.58 -14.58
C GLU C 40 4.43 10.73 -14.10
N LEU C 41 3.87 11.92 -14.25
CA LEU C 41 2.52 12.21 -13.75
C LEU C 41 1.38 12.06 -14.75
N LYS C 42 1.68 12.03 -16.04
CA LYS C 42 0.62 12.06 -17.08
C LYS C 42 -0.38 10.88 -17.05
N ASP C 43 0.08 9.67 -16.78
CA ASP C 43 -0.84 8.50 -16.72
C ASP C 43 -0.98 7.97 -15.29
N ALA C 44 -0.67 8.84 -14.31
CA ALA C 44 -0.70 8.45 -12.90
C ALA C 44 -2.06 8.79 -12.30
N CYS C 45 -2.33 8.24 -11.12
N CYS C 45 -2.42 8.18 -11.17
CA CYS C 45 -3.62 8.40 -10.43
CA CYS C 45 -3.73 8.46 -10.57
C CYS C 45 -3.72 9.70 -9.64
C CYS C 45 -3.76 9.70 -9.69
N LEU C 46 -3.91 10.82 -10.35
CA LEU C 46 -4.04 12.12 -9.73
C LEU C 46 -5.09 12.86 -10.55
N ASP C 47 -5.52 14.01 -10.08
CA ASP C 47 -6.57 14.76 -10.75
C ASP C 47 -6.06 16.04 -11.41
N ILE C 48 -5.13 16.71 -10.76
CA ILE C 48 -4.65 18.03 -11.19
C ILE C 48 -3.14 18.11 -11.04
N ILE C 49 -2.49 18.76 -11.99
CA ILE C 49 -1.05 18.99 -11.94
C ILE C 49 -0.81 20.47 -11.67
N GLU C 50 0.10 20.77 -10.74
CA GLU C 50 0.47 22.12 -10.44
C GLU C 50 1.87 22.39 -10.96
N TRP C 51 2.04 23.47 -11.71
CA TRP C 51 3.38 23.87 -12.12
C TRP C 51 3.84 25.00 -11.17
N ARG C 52 4.78 24.66 -10.28
CA ARG C 52 5.42 25.63 -9.39
C ARG C 52 6.49 26.34 -10.20
N VAL C 53 6.07 27.36 -10.93
CA VAL C 53 6.93 28.07 -11.89
C VAL C 53 8.04 28.87 -11.21
N ASP C 54 7.90 29.17 -9.91
CA ASP C 54 8.95 29.90 -9.19
C ASP C 54 10.27 29.10 -9.15
N PHE C 55 10.20 27.78 -9.33
CA PHE C 55 11.41 26.94 -9.39
C PHE C 55 12.14 27.04 -10.77
N PHE C 56 11.41 27.44 -11.81
CA PHE C 56 11.94 27.53 -13.16
C PHE C 56 12.97 28.65 -13.27
N GLU C 57 14.20 28.29 -13.60
CA GLU C 57 15.30 29.29 -13.65
C GLU C 57 15.06 30.45 -14.59
N ASN C 58 14.38 30.18 -15.71
CA ASN C 58 14.12 31.22 -16.72
C ASN C 58 12.73 31.86 -16.60
N VAL C 59 12.16 31.83 -15.40
CA VAL C 59 10.81 32.38 -15.16
C VAL C 59 10.64 33.87 -15.58
N GLU C 60 11.71 34.64 -15.53
CA GLU C 60 11.67 36.06 -15.89
C GLU C 60 11.56 36.30 -17.41
N ASN C 61 11.65 35.23 -18.20
CA ASN C 61 11.48 35.30 -19.64
C ASN C 61 10.14 34.67 -20.01
N ILE C 62 9.12 35.51 -20.21
CA ILE C 62 7.78 35.04 -20.53
C ILE C 62 7.78 34.09 -21.74
N LYS C 63 8.63 34.34 -22.73
CA LYS C 63 8.69 33.44 -23.89
C LYS C 63 9.12 32.03 -23.51
N GLU C 64 10.09 31.91 -22.60
CA GLU C 64 10.57 30.60 -22.18
C GLU C 64 9.52 29.90 -21.30
N VAL C 65 8.74 30.66 -20.55
CA VAL C 65 7.70 30.09 -19.73
C VAL C 65 6.61 29.51 -20.64
N LYS C 66 6.24 30.26 -21.67
CA LYS C 66 5.26 29.79 -22.65
C LYS C 66 5.77 28.54 -23.40
N GLU C 67 7.06 28.51 -23.73
N GLU C 67 7.07 28.51 -23.72
CA GLU C 67 7.65 27.37 -24.43
CA GLU C 67 7.68 27.38 -24.42
C GLU C 67 7.48 26.09 -23.61
C GLU C 67 7.48 26.10 -23.61
N VAL C 68 7.66 26.18 -22.30
CA VAL C 68 7.47 25.02 -21.42
C VAL C 68 6.04 24.58 -21.46
N LEU C 69 5.14 25.56 -21.36
CA LEU C 69 3.72 25.32 -21.37
C LEU C 69 3.23 24.60 -22.64
N TYR C 70 3.64 25.07 -23.82
CA TYR C 70 3.26 24.42 -25.09
C TYR C 70 3.78 22.97 -25.13
N GLU C 71 5.00 22.73 -24.63
CA GLU C 71 5.56 21.38 -24.64
C GLU C 71 4.84 20.51 -23.60
N LEU C 72 4.63 21.08 -22.42
CA LEU C 72 3.95 20.41 -21.33
C LEU C 72 2.53 19.98 -21.77
N ARG C 73 1.84 20.84 -22.51
CA ARG C 73 0.49 20.49 -23.01
C ARG C 73 0.44 19.34 -24.03
N SER C 74 1.54 19.06 -24.73
N SER C 74 1.53 19.08 -24.73
CA SER C 74 1.57 17.93 -25.66
CA SER C 74 1.58 17.93 -25.66
C SER C 74 1.58 16.61 -24.85
C SER C 74 1.59 16.62 -24.86
N TYR C 75 2.05 16.67 -23.60
CA TYR C 75 2.08 15.49 -22.72
C TYR C 75 0.81 15.37 -21.87
N ILE C 76 0.34 16.48 -21.32
CA ILE C 76 -0.84 16.47 -20.46
C ILE C 76 -2.04 17.28 -21.04
N HIS C 77 -2.43 16.94 -22.27
CA HIS C 77 -3.53 17.64 -22.93
C HIS C 77 -4.79 17.86 -22.11
N ASP C 78 -5.33 16.79 -21.56
CA ASP C 78 -6.62 16.89 -20.88
C ASP C 78 -6.56 16.93 -19.36
N ILE C 79 -5.37 17.02 -18.78
CA ILE C 79 -5.24 17.11 -17.33
C ILE C 79 -5.29 18.59 -16.95
N PRO C 80 -6.16 18.95 -15.99
CA PRO C 80 -6.19 20.34 -15.54
C PRO C 80 -4.82 20.76 -15.01
N LEU C 81 -4.40 21.96 -15.40
CA LEU C 81 -3.11 22.48 -15.03
C LEU C 81 -3.30 23.73 -14.21
N LEU C 82 -2.70 23.72 -13.03
CA LEU C 82 -2.69 24.88 -12.11
C LEU C 82 -1.32 25.53 -12.24
N PHE C 83 -1.31 26.83 -12.48
CA PHE C 83 -0.07 27.61 -12.64
C PHE C 83 0.15 28.44 -11.38
N THR C 84 1.28 28.21 -10.71
CA THR C 84 1.56 28.89 -9.44
C THR C 84 2.95 29.44 -9.34
N PHE C 85 3.06 30.76 -9.24
CA PHE C 85 4.31 31.37 -8.88
C PHE C 85 4.16 31.70 -7.40
N ARG C 86 4.82 30.92 -6.54
CA ARG C 86 4.78 31.17 -5.11
C ARG C 86 5.84 32.21 -4.81
N SER C 87 5.43 33.33 -4.20
CA SER C 87 6.39 34.41 -3.93
C SER C 87 7.29 34.05 -2.73
N VAL C 88 8.44 34.72 -2.63
CA VAL C 88 9.40 34.44 -1.56
C VAL C 88 8.81 34.58 -0.16
N VAL C 89 7.97 35.61 0.03
N VAL C 89 7.97 35.61 0.05
CA VAL C 89 7.34 35.87 1.33
CA VAL C 89 7.39 35.84 1.37
C VAL C 89 6.52 34.67 1.80
C VAL C 89 6.48 34.69 1.81
N GLU C 90 5.98 33.90 0.85
CA GLU C 90 5.14 32.75 1.17
C GLU C 90 5.81 31.39 0.82
N GLY C 91 7.14 31.40 0.87
CA GLY C 91 7.95 30.17 0.74
C GLY C 91 8.52 29.83 -0.62
N GLY C 92 8.48 30.78 -1.55
CA GLY C 92 8.96 30.57 -2.89
C GLY C 92 10.46 30.65 -3.05
N GLU C 93 10.91 30.38 -4.27
CA GLU C 93 12.34 30.28 -4.61
C GLU C 93 12.97 31.51 -5.25
N LYS C 94 12.15 32.38 -5.82
CA LYS C 94 12.65 33.45 -6.67
C LYS C 94 12.01 34.81 -6.43
N LEU C 95 12.84 35.82 -6.28
CA LEU C 95 12.35 37.17 -6.12
C LEU C 95 12.03 37.78 -7.51
N ILE C 96 10.84 38.34 -7.65
CA ILE C 96 10.47 39.06 -8.88
C ILE C 96 9.67 40.28 -8.46
N SER C 97 9.49 41.24 -9.37
CA SER C 97 8.76 42.46 -9.04
C SER C 97 7.26 42.23 -9.00
N ARG C 98 6.55 43.17 -8.39
N ARG C 98 6.58 43.19 -8.39
CA ARG C 98 5.10 43.09 -8.31
CA ARG C 98 5.13 43.20 -8.28
C ARG C 98 4.50 43.22 -9.71
C ARG C 98 4.51 43.25 -9.67
N ASP C 99 5.05 44.12 -10.52
CA ASP C 99 4.58 44.29 -11.90
C ASP C 99 4.74 43.00 -12.71
N TYR C 100 5.88 42.32 -12.55
CA TYR C 100 6.11 41.10 -13.33
C TYR C 100 5.25 39.93 -12.85
N TYR C 101 4.99 39.87 -11.54
CA TYR C 101 4.09 38.84 -10.98
C TYR C 101 2.70 38.95 -11.62
N THR C 102 2.23 40.18 -11.76
CA THR C 102 0.95 40.48 -12.40
C THR C 102 0.98 40.16 -13.89
N THR C 103 2.02 40.61 -14.58
CA THR C 103 2.19 40.35 -16.02
C THR C 103 2.25 38.87 -16.33
N LEU C 104 3.08 38.16 -15.56
CA LEU C 104 3.29 36.73 -15.73
C LEU C 104 1.98 35.98 -15.67
N ASN C 105 1.20 36.27 -14.63
CA ASN C 105 -0.07 35.61 -14.44
C ASN C 105 -1.08 35.98 -15.52
N LYS C 106 -1.12 37.26 -15.91
CA LYS C 106 -2.05 37.66 -16.99
C LYS C 106 -1.69 37.00 -18.34
N GLU C 107 -0.43 37.09 -18.73
CA GLU C 107 0.03 36.53 -20.02
C GLU C 107 -0.20 35.03 -20.09
N ILE C 108 0.07 34.33 -18.99
CA ILE C 108 -0.12 32.88 -18.97
C ILE C 108 -1.61 32.58 -18.98
N SER C 109 -2.41 33.35 -18.25
CA SER C 109 -3.87 33.16 -18.29
C SER C 109 -4.37 33.39 -19.70
N ASN C 110 -3.76 34.33 -20.40
CA ASN C 110 -4.19 34.65 -21.76
C ASN C 110 -3.90 33.56 -22.81
N THR C 111 -2.98 32.64 -22.51
CA THR C 111 -2.63 31.59 -23.48
C THR C 111 -3.74 30.57 -23.69
N GLY C 112 -4.65 30.46 -22.72
CA GLY C 112 -5.70 29.48 -22.79
C GLY C 112 -5.17 28.10 -22.43
N LEU C 113 -3.91 28.03 -22.03
CA LEU C 113 -3.29 26.74 -21.71
C LEU C 113 -3.26 26.34 -20.21
N VAL C 114 -3.65 27.24 -19.30
CA VAL C 114 -3.75 26.87 -17.88
C VAL C 114 -5.21 26.92 -17.46
N ASP C 115 -5.60 25.99 -16.59
CA ASP C 115 -6.98 25.90 -16.14
C ASP C 115 -7.20 26.67 -14.85
N LEU C 116 -6.15 26.80 -14.05
CA LEU C 116 -6.20 27.57 -12.81
C LEU C 116 -4.89 28.30 -12.59
N ILE C 117 -4.97 29.38 -11.81
CA ILE C 117 -3.80 30.09 -11.36
C ILE C 117 -3.99 30.34 -9.87
N ASP C 118 -2.89 30.50 -9.15
CA ASP C 118 -2.91 30.74 -7.73
C ASP C 118 -2.28 32.09 -7.47
N VAL C 119 -3.04 33.01 -6.87
CA VAL C 119 -2.52 34.33 -6.50
C VAL C 119 -2.62 34.48 -4.99
N GLU C 120 -1.69 35.24 -4.41
CA GLU C 120 -1.62 35.38 -2.95
C GLU C 120 -2.40 36.54 -2.41
N LEU C 121 -3.24 36.24 -1.41
CA LEU C 121 -4.07 37.23 -0.73
C LEU C 121 -3.30 38.44 -0.26
N PHE C 122 -2.13 38.23 0.33
CA PHE C 122 -1.37 39.37 0.85
C PHE C 122 -0.61 40.18 -0.21
N MET C 123 -0.81 39.87 -1.49
CA MET C 123 -0.24 40.69 -2.55
C MET C 123 -0.98 42.05 -2.62
N GLY C 124 -2.18 42.12 -2.04
CA GLY C 124 -2.95 43.35 -2.00
C GLY C 124 -4.11 43.34 -2.98
N ASP C 125 -5.14 44.11 -2.65
CA ASP C 125 -6.34 44.18 -3.47
C ASP C 125 -6.11 44.69 -4.91
N GLU C 126 -5.20 45.65 -5.10
CA GLU C 126 -4.97 46.16 -6.46
C GLU C 126 -4.50 45.05 -7.38
N VAL C 127 -3.46 44.34 -6.95
CA VAL C 127 -2.91 43.22 -7.72
C VAL C 127 -3.94 42.12 -7.91
N ILE C 128 -4.61 41.74 -6.83
CA ILE C 128 -5.60 40.65 -6.89
C ILE C 128 -6.78 40.98 -7.82
N ASP C 129 -7.32 42.21 -7.69
CA ASP C 129 -8.44 42.63 -8.56
C ASP C 129 -8.07 42.55 -10.04
N GLU C 130 -6.89 43.09 -10.39
CA GLU C 130 -6.44 43.04 -11.78
C GLU C 130 -6.28 41.60 -12.31
N VAL C 131 -5.61 40.73 -11.54
CA VAL C 131 -5.36 39.35 -11.98
C VAL C 131 -6.62 38.51 -12.02
N VAL C 132 -7.47 38.67 -11.00
CA VAL C 132 -8.73 37.93 -10.92
C VAL C 132 -9.66 38.32 -12.07
N ASN C 133 -9.87 39.61 -12.28
N ASN C 133 -9.84 39.62 -12.28
CA ASN C 133 -10.75 40.06 -13.36
CA ASN C 133 -10.68 40.14 -13.35
C ASN C 133 -10.29 39.56 -14.73
C ASN C 133 -10.28 39.56 -14.70
N PHE C 134 -8.98 39.64 -14.99
CA PHE C 134 -8.45 39.15 -16.25
C PHE C 134 -8.58 37.62 -16.42
N ALA C 135 -8.25 36.88 -15.37
CA ALA C 135 -8.34 35.41 -15.43
C ALA C 135 -9.79 34.98 -15.71
N HIS C 136 -10.73 35.61 -15.03
CA HIS C 136 -12.14 35.30 -15.23
C HIS C 136 -12.63 35.61 -16.66
N LYS C 137 -12.08 36.65 -17.28
CA LYS C 137 -12.45 36.97 -18.69
C LYS C 137 -12.06 35.80 -19.60
N LYS C 138 -10.99 35.09 -19.23
CA LYS C 138 -10.50 33.94 -20.01
C LYS C 138 -11.00 32.57 -19.48
N GLU C 139 -11.96 32.58 -18.56
CA GLU C 139 -12.51 31.35 -17.95
C GLU C 139 -11.45 30.55 -17.17
N VAL C 140 -10.44 31.25 -16.65
CA VAL C 140 -9.42 30.62 -15.83
C VAL C 140 -9.89 30.72 -14.38
N LYS C 141 -9.76 29.62 -13.65
CA LYS C 141 -10.19 29.57 -12.24
C LYS C 141 -9.08 30.12 -11.40
N VAL C 142 -9.44 30.81 -10.33
CA VAL C 142 -8.45 31.43 -9.48
C VAL C 142 -8.47 30.92 -8.04
N ILE C 143 -7.31 30.45 -7.59
CA ILE C 143 -7.10 30.12 -6.22
C ILE C 143 -6.50 31.39 -5.61
N ILE C 144 -7.06 31.85 -4.49
CA ILE C 144 -6.43 32.94 -3.76
C ILE C 144 -5.89 32.27 -2.49
N SER C 145 -4.57 32.34 -2.30
CA SER C 145 -3.91 31.62 -1.20
C SER C 145 -3.24 32.48 -0.13
N ASN C 146 -3.07 31.84 1.03
CA ASN C 146 -2.43 32.45 2.17
C ASN C 146 -1.71 31.37 2.96
N HIS C 147 -0.54 31.72 3.46
CA HIS C 147 0.30 30.80 4.19
C HIS C 147 0.83 31.40 5.48
N ASP C 148 0.92 30.57 6.51
CA ASP C 148 1.56 30.98 7.74
C ASP C 148 2.48 29.85 8.11
N PHE C 149 3.77 30.06 7.92
CA PHE C 149 4.75 29.04 8.20
C PHE C 149 5.23 28.99 9.63
N ASN C 150 4.80 29.94 10.44
CA ASN C 150 5.24 30.03 11.83
C ASN C 150 4.22 29.55 12.84
N LYS C 151 2.94 29.73 12.56
CA LYS C 151 1.91 29.39 13.51
C LYS C 151 0.58 29.15 12.84
N THR C 152 -0.39 28.76 13.65
CA THR C 152 -1.75 28.56 13.22
C THR C 152 -2.58 29.72 13.82
N PRO C 153 -3.10 30.60 12.97
CA PRO C 153 -3.93 31.68 13.49
C PRO C 153 -5.15 31.14 14.17
N LYS C 154 -5.78 31.98 14.98
CA LYS C 154 -7.00 31.60 15.69
C LYS C 154 -8.07 31.17 14.70
N LYS C 155 -8.95 30.26 15.11
CA LYS C 155 -10.02 29.76 14.25
C LYS C 155 -10.74 30.87 13.49
N GLU C 156 -11.12 31.93 14.20
CA GLU C 156 -11.87 33.04 13.59
C GLU C 156 -11.07 33.80 12.55
N GLU C 157 -9.75 33.90 12.76
CA GLU C 157 -8.87 34.57 11.78
C GLU C 157 -8.72 33.74 10.52
N ILE C 158 -8.66 32.41 10.67
CA ILE C 158 -8.61 31.52 9.51
C ILE C 158 -9.91 31.71 8.70
N VAL C 159 -11.04 31.71 9.40
CA VAL C 159 -12.33 31.90 8.76
C VAL C 159 -12.41 33.27 8.10
N SER C 160 -11.92 34.30 8.78
CA SER C 160 -11.93 35.65 8.21
C SER C 160 -11.16 35.74 6.89
N ARG C 161 -9.98 35.11 6.84
CA ARG C 161 -9.18 35.12 5.62
C ARG C 161 -9.85 34.37 4.49
N LEU C 162 -10.47 33.22 4.80
CA LEU C 162 -11.17 32.45 3.77
C LEU C 162 -12.34 33.24 3.25
N CYS C 163 -13.01 33.96 4.14
CA CYS C 163 -14.11 34.84 3.73
C CYS C 163 -13.59 35.99 2.87
N ARG C 164 -12.46 36.57 3.24
CA ARG C 164 -11.86 37.67 2.46
C ARG C 164 -11.56 37.19 1.03
N MET C 165 -11.03 35.96 0.91
CA MET C 165 -10.73 35.39 -0.39
C MET C 165 -12.00 35.30 -1.24
N GLN C 166 -13.11 34.85 -0.64
CA GLN C 166 -14.38 34.77 -1.34
C GLN C 166 -14.79 36.15 -1.80
N GLU C 167 -14.62 37.14 -0.92
CA GLU C 167 -14.98 38.54 -1.24
C GLU C 167 -14.18 39.10 -2.40
N LEU C 168 -12.93 38.67 -2.52
CA LEU C 168 -12.07 39.11 -3.61
C LEU C 168 -12.29 38.33 -4.93
N GLY C 169 -13.25 37.40 -4.93
CA GLY C 169 -13.61 36.67 -6.15
C GLY C 169 -12.90 35.34 -6.39
N ALA C 170 -12.22 34.80 -5.39
CA ALA C 170 -11.58 33.51 -5.54
C ALA C 170 -12.61 32.46 -5.94
N ASP C 171 -12.25 31.62 -6.88
CA ASP C 171 -13.05 30.45 -7.19
C ASP C 171 -12.81 29.39 -6.09
N LEU C 172 -11.58 29.41 -5.55
CA LEU C 172 -11.14 28.45 -4.56
C LEU C 172 -10.19 29.09 -3.53
N PRO C 173 -10.73 29.51 -2.40
CA PRO C 173 -9.91 30.00 -1.29
C PRO C 173 -8.95 28.90 -0.81
N LYS C 174 -7.71 29.27 -0.52
CA LYS C 174 -6.73 28.31 -0.04
C LYS C 174 -5.93 28.84 1.13
N ILE C 175 -5.85 28.03 2.20
CA ILE C 175 -5.02 28.40 3.32
C ILE C 175 -4.18 27.22 3.83
N ALA C 176 -2.90 27.51 4.10
CA ALA C 176 -1.99 26.55 4.64
C ALA C 176 -1.32 27.19 5.87
N VAL C 177 -1.42 26.49 6.99
CA VAL C 177 -0.90 26.97 8.28
C VAL C 177 0.00 25.95 8.96
N MET C 178 0.84 26.41 9.87
CA MET C 178 1.79 25.57 10.56
C MET C 178 1.36 25.35 12.01
N PRO C 179 1.16 24.10 12.40
CA PRO C 179 0.80 23.82 13.79
C PRO C 179 2.04 23.90 14.67
N GLN C 180 1.88 24.43 15.89
CA GLN C 180 2.95 24.43 16.88
C GLN C 180 2.70 23.32 17.93
N ASN C 181 1.50 22.76 17.90
CA ASN C 181 1.10 21.66 18.78
C ASN C 181 -0.09 20.92 18.13
N GLU C 182 -0.51 19.83 18.74
CA GLU C 182 -1.57 19.00 18.19
C GLU C 182 -2.89 19.73 18.12
N LYS C 183 -3.18 20.55 19.12
CA LYS C 183 -4.45 21.29 19.15
C LYS C 183 -4.56 22.23 17.91
N ASP C 184 -3.43 22.78 17.47
CA ASP C 184 -3.42 23.63 16.28
C ASP C 184 -3.95 22.91 15.04
N VAL C 185 -3.67 21.61 14.92
CA VAL C 185 -4.15 20.84 13.78
C VAL C 185 -5.69 20.81 13.84
N LEU C 186 -6.23 20.64 15.05
CA LEU C 186 -7.68 20.60 15.26
C LEU C 186 -8.32 21.98 14.98
N VAL C 187 -7.62 23.06 15.34
CA VAL C 187 -8.11 24.42 15.04
C VAL C 187 -8.26 24.60 13.52
N LEU C 188 -7.26 24.15 12.76
CA LEU C 188 -7.32 24.24 11.31
C LEU C 188 -8.54 23.44 10.79
N LEU C 189 -8.72 22.23 11.30
CA LEU C 189 -9.89 21.41 10.88
C LEU C 189 -11.23 22.05 11.28
N GLU C 190 -11.28 22.60 12.50
N GLU C 190 -11.28 22.62 12.48
CA GLU C 190 -12.49 23.27 13.01
CA GLU C 190 -12.50 23.25 13.00
C GLU C 190 -12.85 24.49 12.13
C GLU C 190 -12.86 24.50 12.14
N ALA C 191 -11.83 25.28 11.79
CA ALA C 191 -12.01 26.45 10.95
C ALA C 191 -12.52 26.03 9.56
N THR C 192 -11.94 24.95 9.03
CA THR C 192 -12.34 24.42 7.75
C THR C 192 -13.81 24.07 7.74
N ASN C 193 -14.25 23.32 8.74
CA ASN C 193 -15.63 22.90 8.73
C ASN C 193 -16.61 24.05 9.03
N GLU C 194 -16.23 24.97 9.92
CA GLU C 194 -17.04 26.16 10.21
C GLU C 194 -17.26 26.96 8.89
N MET C 195 -16.18 27.22 8.16
CA MET C 195 -16.26 27.91 6.88
C MET C 195 -17.15 27.13 5.91
N PHE C 196 -16.87 25.84 5.75
CA PHE C 196 -17.61 24.98 4.84
C PHE C 196 -19.13 25.00 5.09
N LYS C 197 -19.53 24.83 6.35
CA LYS C 197 -20.96 24.78 6.70
C LYS C 197 -21.70 26.09 6.78
N ILE C 198 -21.02 27.15 7.21
CA ILE C 198 -21.71 28.39 7.54
C ILE C 198 -21.52 29.58 6.62
N TYR C 199 -20.35 29.72 6.04
CA TYR C 199 -20.03 30.92 5.28
C TYR C 199 -19.61 30.72 3.83
N ALA C 200 -19.29 29.49 3.44
CA ALA C 200 -18.77 29.21 2.11
C ALA C 200 -19.87 29.08 1.06
N ASP C 201 -19.66 29.69 -0.10
CA ASP C 201 -20.55 29.49 -1.24
C ASP C 201 -19.76 28.92 -2.42
N ARG C 202 -18.60 28.33 -2.11
CA ARG C 202 -17.75 27.72 -3.10
C ARG C 202 -16.79 26.77 -2.37
N PRO C 203 -16.12 25.89 -3.12
CA PRO C 203 -15.21 24.98 -2.44
C PRO C 203 -13.99 25.69 -1.86
N ILE C 204 -13.46 25.15 -0.78
CA ILE C 204 -12.26 25.71 -0.14
C ILE C 204 -11.15 24.66 -0.04
N ILE C 205 -9.93 25.12 0.18
CA ILE C 205 -8.75 24.26 0.28
C ILE C 205 -8.02 24.66 1.54
N THR C 206 -7.78 23.70 2.43
CA THR C 206 -7.08 23.97 3.66
C THR C 206 -6.13 22.84 3.99
N MET C 207 -5.07 23.18 4.73
CA MET C 207 -4.15 22.20 5.21
C MET C 207 -3.33 22.72 6.40
N SER C 208 -2.94 21.77 7.24
CA SER C 208 -2.06 22.00 8.34
C SER C 208 -0.78 21.32 7.88
N MET C 209 0.31 22.08 7.83
CA MET C 209 1.57 21.61 7.33
C MET C 209 2.33 20.80 8.38
N SER C 210 3.49 20.25 7.94
CA SER C 210 4.41 19.46 8.77
C SER C 210 3.85 18.06 9.01
N GLY C 211 4.69 17.20 9.59
CA GLY C 211 4.29 15.82 9.87
C GLY C 211 3.09 15.74 10.79
N MET C 212 3.01 16.67 11.72
CA MET C 212 1.91 16.72 12.69
C MET C 212 0.56 17.03 12.02
N GLY C 213 0.58 17.78 10.91
CA GLY C 213 -0.68 18.16 10.23
C GLY C 213 -1.13 17.24 9.09
N VAL C 214 -0.36 16.19 8.83
CA VAL C 214 -0.62 15.27 7.69
C VAL C 214 -2.04 14.73 7.64
N ILE C 215 -2.65 14.52 8.80
CA ILE C 215 -4.02 14.04 8.86
C ILE C 215 -4.98 14.98 8.10
N SER C 216 -4.66 16.30 8.10
CA SER C 216 -5.47 17.28 7.41
C SER C 216 -5.48 17.07 5.89
N ARG C 217 -4.54 16.30 5.36
CA ARG C 217 -4.51 16.05 3.92
C ARG C 217 -5.37 14.86 3.53
N LEU C 218 -5.83 14.11 4.53
CA LEU C 218 -6.59 12.88 4.27
C LEU C 218 -8.08 12.94 4.51
N CYS C 219 -8.52 13.87 5.38
N CYS C 219 -8.51 13.84 5.40
CA CYS C 219 -9.92 13.94 5.84
CA CYS C 219 -9.92 13.87 5.80
C CYS C 219 -10.78 15.05 5.24
C CYS C 219 -10.70 15.11 5.29
N GLY C 220 -10.40 15.54 4.07
CA GLY C 220 -11.11 16.66 3.43
C GLY C 220 -12.58 16.46 3.11
N GLU C 221 -12.97 15.22 2.83
CA GLU C 221 -14.35 14.94 2.53
C GLU C 221 -15.24 15.14 3.76
N ILE C 222 -14.74 14.81 4.93
CA ILE C 222 -15.50 14.99 6.17
C ILE C 222 -15.50 16.44 6.65
N PHE C 223 -14.33 17.07 6.66
CA PHE C 223 -14.22 18.41 7.20
C PHE C 223 -14.43 19.56 6.23
N GLY C 224 -14.20 19.33 4.94
CA GLY C 224 -14.53 20.34 3.94
C GLY C 224 -13.45 20.86 3.01
N SER C 225 -12.27 20.28 2.99
CA SER C 225 -11.22 20.75 2.01
C SER C 225 -11.43 19.98 0.71
N ALA C 226 -11.53 20.71 -0.40
CA ALA C 226 -11.87 20.15 -1.73
C ALA C 226 -10.71 19.63 -2.55
N LEU C 227 -9.49 20.10 -2.24
CA LEU C 227 -8.25 19.65 -2.89
C LEU C 227 -7.25 19.25 -1.86
N THR C 228 -6.46 18.24 -2.17
CA THR C 228 -5.39 17.82 -1.30
C THR C 228 -4.14 17.67 -2.16
N PHE C 229 -3.01 18.04 -1.61
CA PHE C 229 -1.75 18.02 -2.35
C PHE C 229 -0.85 16.84 -1.95
N GLY C 230 -0.42 16.09 -2.95
CA GLY C 230 0.49 14.95 -2.73
C GLY C 230 1.86 15.32 -3.27
N ALA C 231 2.87 14.53 -2.93
CA ALA C 231 4.23 14.73 -3.41
C ALA C 231 4.50 13.75 -4.57
N ALA C 232 5.25 14.20 -5.56
CA ALA C 232 5.59 13.39 -6.73
C ALA C 232 6.53 12.24 -6.37
N LYS C 233 7.56 12.53 -5.56
CA LYS C 233 8.52 11.49 -5.14
C LYS C 233 7.82 10.45 -4.28
N ALA C 237 10.12 14.90 2.20
CA ALA C 237 9.57 15.93 3.07
C ALA C 237 8.70 15.30 4.16
N PRO C 238 9.03 15.53 5.44
CA PRO C 238 8.25 14.98 6.56
C PRO C 238 6.75 15.28 6.46
N GLY C 239 6.40 16.52 6.12
CA GLY C 239 4.99 16.89 6.03
C GLY C 239 4.31 16.60 4.68
N GLN C 240 4.93 15.75 3.84
CA GLN C 240 4.36 15.42 2.51
C GLN C 240 4.03 13.93 2.40
N ILE C 241 3.03 13.61 1.58
CA ILE C 241 2.66 12.21 1.34
C ILE C 241 2.62 11.92 -0.15
N SER C 242 3.20 10.79 -0.55
CA SER C 242 3.21 10.36 -1.95
C SER C 242 1.81 10.38 -2.50
N PHE C 243 1.63 10.95 -3.68
CA PHE C 243 0.30 11.05 -4.27
C PHE C 243 -0.33 9.68 -4.55
N LYS C 244 0.52 8.69 -4.86
CA LYS C 244 0.04 7.35 -5.21
C LYS C 244 -0.74 6.72 -4.08
N GLU C 245 -0.28 6.92 -2.86
CA GLU C 245 -0.93 6.37 -1.68
C GLU C 245 -2.13 7.23 -1.29
N LEU C 246 -1.97 8.53 -1.44
CA LEU C 246 -3.02 9.48 -1.11
C LEU C 246 -4.36 9.06 -1.77
N ASN C 247 -4.30 8.63 -3.01
CA ASN C 247 -5.51 8.23 -3.74
C ASN C 247 -6.25 6.97 -3.21
N SER C 248 -5.50 6.03 -2.66
CA SER C 248 -6.10 4.83 -2.11
C SER C 248 -6.91 5.22 -0.89
N VAL C 249 -6.29 6.06 -0.07
CA VAL C 249 -6.85 6.48 1.19
C VAL C 249 -8.13 7.28 0.99
N LEU C 250 -8.11 8.24 0.09
CA LEU C 250 -9.30 9.05 -0.17
C LEU C 250 -10.50 8.21 -0.59
N ASN C 251 -10.27 7.17 -1.41
CA ASN C 251 -11.37 6.31 -1.84
C ASN C 251 -11.87 5.46 -0.70
N LEU C 252 -10.93 5.00 0.13
CA LEU C 252 -11.25 4.23 1.31
C LEU C 252 -12.19 5.05 2.18
N LEU C 253 -11.81 6.31 2.41
CA LEU C 253 -12.61 7.18 3.26
C LEU C 253 -13.96 7.57 2.62
N HIS C 254 -14.01 7.64 1.30
CA HIS C 254 -15.25 7.96 0.62
C HIS C 254 -16.28 6.83 0.81
N LYS C 255 -15.80 5.59 0.88
CA LYS C 255 -16.67 4.41 1.08
C LYS C 255 -17.18 4.33 2.49
N SER C 256 -16.35 4.72 3.45
CA SER C 256 -16.70 4.65 4.86
C SER C 256 -17.72 5.69 5.31
N ILE C 257 -18.12 6.63 4.44
CA ILE C 257 -19.11 7.66 4.83
C ILE C 257 -20.44 7.03 5.15
N ASN C 258 -21.15 7.65 6.10
CA ASN C 258 -22.47 7.18 6.52
C ASN C 258 -23.51 7.23 5.40
N ALA D 3 8.15 8.86 28.86
CA ALA D 3 9.12 8.55 29.95
C ALA D 3 8.43 8.51 31.33
N MET D 4 7.43 9.37 31.51
CA MET D 4 6.70 9.45 32.78
C MET D 4 5.35 8.71 32.67
N LYS D 5 5.32 7.70 31.80
CA LYS D 5 4.13 6.88 31.59
C LYS D 5 4.52 5.44 31.51
N ARG D 6 3.65 4.56 32.00
N ARG D 6 3.65 4.56 32.00
CA ARG D 6 3.88 3.13 31.89
CA ARG D 6 3.91 3.14 31.90
C ARG D 6 3.51 2.71 30.47
C ARG D 6 3.52 2.71 30.48
N LYS D 7 4.12 1.62 30.02
CA LYS D 7 3.78 1.04 28.73
C LYS D 7 3.10 -0.24 29.13
N VAL D 8 2.29 -0.80 28.26
CA VAL D 8 1.59 -2.01 28.57
C VAL D 8 2.08 -3.12 27.64
N GLN D 9 2.84 -4.06 28.19
CA GLN D 9 3.40 -5.18 27.42
C GLN D 9 2.42 -6.32 27.45
N VAL D 10 2.03 -6.81 26.28
CA VAL D 10 1.16 -7.96 26.18
C VAL D 10 1.83 -8.93 25.24
N LYS D 11 2.10 -10.11 25.76
CA LYS D 11 2.81 -11.12 25.01
C LYS D 11 4.08 -10.37 24.51
N ASN D 12 4.35 -10.36 23.21
CA ASN D 12 5.53 -9.66 22.69
C ASN D 12 5.25 -8.30 22.00
N ILE D 13 4.12 -7.66 22.34
CA ILE D 13 3.72 -6.35 21.77
C ILE D 13 3.75 -5.26 22.87
N THR D 14 4.33 -4.09 22.57
CA THR D 14 4.40 -2.96 23.54
C THR D 14 3.40 -1.85 23.20
N ILE D 15 2.28 -1.84 23.91
CA ILE D 15 1.24 -0.83 23.71
C ILE D 15 1.69 0.44 24.41
N GLY D 16 1.55 1.57 23.73
CA GLY D 16 1.97 2.84 24.29
C GLY D 16 3.17 3.44 23.59
N GLU D 17 3.82 2.70 22.72
CA GLU D 17 4.95 3.27 21.98
C GLU D 17 4.86 3.00 20.49
N GLY D 18 5.47 3.88 19.72
CA GLY D 18 5.49 3.77 18.29
C GLY D 18 4.13 3.95 17.63
N ARG D 19 3.93 3.19 16.57
CA ARG D 19 2.73 3.25 15.81
C ARG D 19 1.62 2.64 16.66
N PRO D 20 0.38 3.15 16.56
CA PRO D 20 -0.70 2.50 17.29
C PRO D 20 -0.83 1.05 16.87
N LYS D 21 -1.30 0.22 17.78
CA LYS D 21 -1.48 -1.19 17.52
C LYS D 21 -2.86 -1.44 16.97
N ILE D 22 -2.98 -2.38 16.04
CA ILE D 22 -4.24 -2.70 15.42
C ILE D 22 -4.83 -3.96 16.02
N CYS D 23 -6.08 -3.85 16.45
CA CYS D 23 -6.83 -4.96 17.01
C CYS D 23 -7.97 -5.30 16.06
N VAL D 24 -8.19 -6.60 15.85
CA VAL D 24 -9.27 -7.06 14.97
C VAL D 24 -10.15 -8.06 15.75
N PRO D 25 -11.46 -7.82 15.76
CA PRO D 25 -12.37 -8.72 16.46
C PRO D 25 -12.80 -9.97 15.70
N ILE D 26 -13.02 -11.03 16.47
CA ILE D 26 -13.62 -12.28 15.99
C ILE D 26 -15.03 -12.23 16.56
N ILE D 27 -16.04 -12.37 15.72
CA ILE D 27 -17.44 -12.22 16.15
C ILE D 27 -18.32 -13.43 15.82
N GLY D 28 -17.70 -14.58 15.57
CA GLY D 28 -18.42 -15.80 15.20
C GLY D 28 -19.42 -16.29 16.24
N LYS D 29 -20.51 -16.91 15.77
CA LYS D 29 -21.57 -17.40 16.65
C LYS D 29 -21.33 -18.80 17.19
N ASN D 30 -20.40 -19.54 16.57
CA ASN D 30 -20.07 -20.90 16.98
C ASN D 30 -18.58 -21.20 16.84
N LYS D 31 -18.17 -22.32 17.42
CA LYS D 31 -16.75 -22.72 17.42
C LYS D 31 -16.15 -22.81 16.02
N LYS D 32 -16.88 -23.41 15.08
CA LYS D 32 -16.38 -23.56 13.71
C LYS D 32 -16.09 -22.19 13.07
N ASP D 33 -17.04 -21.26 13.18
CA ASP D 33 -16.90 -19.94 12.59
C ASP D 33 -15.81 -19.12 13.28
N ILE D 34 -15.69 -19.25 14.60
CA ILE D 34 -14.66 -18.53 15.36
C ILE D 34 -13.27 -18.96 14.91
N ILE D 35 -13.06 -20.26 14.78
CA ILE D 35 -11.76 -20.78 14.36
C ILE D 35 -11.49 -20.44 12.90
N LYS D 36 -12.54 -20.42 12.09
CA LYS D 36 -12.42 -20.05 10.68
C LYS D 36 -11.89 -18.59 10.61
N GLU D 37 -12.49 -17.71 11.41
CA GLU D 37 -12.03 -16.31 11.48
C GLU D 37 -10.59 -16.22 11.99
N ALA D 38 -10.27 -17.03 12.99
CA ALA D 38 -8.92 -17.05 13.57
C ALA D 38 -7.88 -17.38 12.52
N LYS D 39 -8.12 -18.44 11.74
CA LYS D 39 -7.20 -18.84 10.66
C LYS D 39 -6.92 -17.69 9.67
N GLU D 40 -7.92 -16.86 9.40
CA GLU D 40 -7.76 -15.71 8.50
C GLU D 40 -6.93 -14.56 9.11
N LEU D 41 -6.75 -14.58 10.43
CA LEU D 41 -6.03 -13.51 11.12
C LEU D 41 -4.66 -13.91 11.66
N LYS D 42 -4.37 -15.22 11.71
CA LYS D 42 -3.13 -15.70 12.32
C LYS D 42 -1.81 -15.29 11.66
N ASP D 43 -1.84 -14.94 10.37
CA ASP D 43 -0.61 -14.56 9.67
C ASP D 43 -0.74 -13.23 8.90
N ALA D 44 -1.67 -12.39 9.35
CA ALA D 44 -1.89 -11.07 8.75
C ALA D 44 -1.11 -10.05 9.57
N CYS D 45 -0.96 -8.84 9.04
N CYS D 45 -0.93 -8.84 9.04
CA CYS D 45 -0.27 -7.79 9.77
CA CYS D 45 -0.18 -7.81 9.75
C CYS D 45 -1.26 -7.12 10.68
C CYS D 45 -1.12 -7.05 10.71
N LEU D 46 -1.33 -7.63 11.89
CA LEU D 46 -2.17 -7.04 12.92
C LEU D 46 -1.41 -7.29 14.21
N ASP D 47 -1.83 -6.64 15.28
CA ASP D 47 -1.11 -6.77 16.53
C ASP D 47 -1.86 -7.56 17.59
N ILE D 48 -3.17 -7.39 17.66
CA ILE D 48 -3.98 -7.98 18.71
C ILE D 48 -5.27 -8.52 18.13
N ILE D 49 -5.72 -9.65 18.66
CA ILE D 49 -6.99 -10.23 18.26
C ILE D 49 -7.95 -10.12 19.45
N GLU D 50 -9.18 -9.68 19.17
CA GLU D 50 -10.21 -9.56 20.20
C GLU D 50 -11.28 -10.60 19.96
N TRP D 51 -11.60 -11.39 20.96
CA TRP D 51 -12.71 -12.30 20.84
C TRP D 51 -13.92 -11.67 21.50
N ARG D 52 -14.91 -11.28 20.67
CA ARG D 52 -16.17 -10.73 21.13
C ARG D 52 -17.04 -11.92 21.45
N VAL D 53 -16.87 -12.41 22.68
CA VAL D 53 -17.52 -13.63 23.13
C VAL D 53 -19.04 -13.48 23.30
N ASP D 54 -19.54 -12.24 23.41
CA ASP D 54 -21.01 -12.02 23.52
C ASP D 54 -21.76 -12.51 22.25
N PHE D 55 -21.05 -12.66 21.14
CA PHE D 55 -21.63 -13.23 19.89
C PHE D 55 -21.72 -14.78 19.94
N PHE D 56 -20.92 -15.41 20.78
CA PHE D 56 -20.88 -16.89 20.89
C PHE D 56 -22.20 -17.37 21.51
N GLU D 57 -22.93 -18.19 20.78
N GLU D 57 -22.93 -18.22 20.78
CA GLU D 57 -24.27 -18.64 21.25
CA GLU D 57 -24.26 -18.65 21.23
C GLU D 57 -24.23 -19.41 22.58
C GLU D 57 -24.24 -19.42 22.55
N ASN D 58 -23.16 -20.14 22.82
CA ASN D 58 -23.03 -20.91 24.06
C ASN D 58 -22.28 -20.18 25.16
N VAL D 59 -22.24 -18.83 25.10
CA VAL D 59 -21.46 -18.05 26.06
C VAL D 59 -21.84 -18.31 27.53
N GLU D 60 -23.08 -18.69 27.78
CA GLU D 60 -23.54 -18.95 29.17
C GLU D 60 -22.98 -20.25 29.76
N ASN D 61 -22.32 -21.08 28.93
CA ASN D 61 -21.69 -22.29 29.41
C ASN D 61 -20.18 -22.13 29.44
N ILE D 62 -19.63 -21.90 30.64
CA ILE D 62 -18.21 -21.64 30.80
C ILE D 62 -17.35 -22.74 30.18
N LYS D 63 -17.80 -23.98 30.28
CA LYS D 63 -17.05 -25.10 29.71
C LYS D 63 -16.91 -24.98 28.18
N GLU D 64 -17.98 -24.59 27.50
CA GLU D 64 -17.91 -24.45 26.03
C GLU D 64 -17.09 -23.22 25.63
N VAL D 65 -17.16 -22.16 26.45
CA VAL D 65 -16.36 -20.98 26.20
C VAL D 65 -14.87 -21.37 26.31
N LYS D 66 -14.52 -22.11 27.35
CA LYS D 66 -13.14 -22.58 27.51
C LYS D 66 -12.67 -23.46 26.34
N GLU D 67 -13.52 -24.36 25.88
N GLU D 67 -13.52 -24.36 25.87
CA GLU D 67 -13.19 -25.25 24.76
CA GLU D 67 -13.17 -25.25 24.75
C GLU D 67 -12.77 -24.45 23.52
C GLU D 67 -12.75 -24.44 23.52
N VAL D 68 -13.51 -23.39 23.21
CA VAL D 68 -13.18 -22.53 22.07
C VAL D 68 -11.87 -21.81 22.34
N LEU D 69 -11.73 -21.26 23.54
CA LEU D 69 -10.52 -20.52 23.91
C LEU D 69 -9.25 -21.34 23.71
N TYR D 70 -9.25 -22.59 24.17
CA TYR D 70 -8.07 -23.43 24.02
C TYR D 70 -7.76 -23.73 22.55
N GLU D 71 -8.78 -24.00 21.74
CA GLU D 71 -8.55 -24.22 20.32
C GLU D 71 -8.08 -22.93 19.63
N LEU D 72 -8.75 -21.83 19.92
CA LEU D 72 -8.39 -20.53 19.37
C LEU D 72 -6.92 -20.22 19.70
N ARG D 73 -6.53 -20.44 20.96
CA ARG D 73 -5.17 -20.17 21.41
C ARG D 73 -4.15 -20.97 20.59
N SER D 74 -4.48 -22.23 20.29
N SER D 74 -4.49 -22.24 20.31
CA SER D 74 -3.59 -23.12 19.55
CA SER D 74 -3.62 -23.13 19.55
C SER D 74 -3.35 -22.64 18.12
C SER D 74 -3.36 -22.64 18.12
N TYR D 75 -4.33 -21.93 17.55
CA TYR D 75 -4.21 -21.40 16.18
C TYR D 75 -3.51 -20.06 16.08
N ILE D 76 -3.72 -19.17 17.05
CA ILE D 76 -3.11 -17.83 16.97
C ILE D 76 -1.75 -17.75 17.66
N HIS D 77 -1.40 -18.83 18.34
CA HIS D 77 -0.11 -19.00 19.02
C HIS D 77 0.27 -17.87 19.99
N ASP D 78 1.21 -17.00 19.61
N ASP D 78 1.20 -17.00 19.59
CA ASP D 78 1.67 -15.93 20.52
CA ASP D 78 1.70 -15.94 20.46
C ASP D 78 1.00 -14.57 20.27
C ASP D 78 1.04 -14.58 20.24
N ILE D 79 0.02 -14.51 19.38
CA ILE D 79 -0.67 -13.22 19.14
C ILE D 79 -1.46 -12.83 20.40
N PRO D 80 -1.26 -11.60 20.90
CA PRO D 80 -2.04 -11.19 22.08
C PRO D 80 -3.53 -11.34 21.81
N LEU D 81 -4.25 -11.88 22.80
CA LEU D 81 -5.68 -12.09 22.73
C LEU D 81 -6.40 -11.29 23.80
N LEU D 82 -7.33 -10.46 23.34
CA LEU D 82 -8.19 -9.66 24.19
C LEU D 82 -9.54 -10.36 24.28
N PHE D 83 -10.04 -10.56 25.49
CA PHE D 83 -11.32 -11.21 25.74
C PHE D 83 -12.32 -10.14 26.14
N THR D 84 -13.41 -10.03 25.39
CA THR D 84 -14.42 -9.02 25.62
C THR D 84 -15.87 -9.55 25.56
N PHE D 85 -16.59 -9.51 26.69
CA PHE D 85 -18.02 -9.72 26.66
C PHE D 85 -18.64 -8.32 26.68
N ARG D 86 -19.16 -7.90 25.53
CA ARG D 86 -19.79 -6.58 25.41
C ARG D 86 -21.24 -6.73 25.81
N SER D 87 -21.65 -6.01 26.84
CA SER D 87 -23.01 -6.13 27.33
C SER D 87 -23.99 -5.40 26.42
N VAL D 88 -25.25 -5.81 26.50
CA VAL D 88 -26.31 -5.24 25.69
C VAL D 88 -26.41 -3.73 25.82
N VAL D 89 -26.28 -3.20 27.03
CA VAL D 89 -26.42 -1.77 27.22
C VAL D 89 -25.34 -0.96 26.50
N GLU D 90 -24.23 -1.60 26.12
CA GLU D 90 -23.16 -0.90 25.42
C GLU D 90 -22.92 -1.48 24.01
N GLY D 91 -24.00 -2.01 23.41
CA GLY D 91 -23.97 -2.47 22.04
C GLY D 91 -23.87 -3.97 21.80
N GLY D 92 -23.89 -4.74 22.88
CA GLY D 92 -23.73 -6.17 22.80
C GLY D 92 -24.91 -6.98 22.33
N GLU D 93 -24.66 -8.28 22.19
CA GLU D 93 -25.61 -9.24 21.60
C GLU D 93 -26.42 -10.13 22.57
N LYS D 94 -26.04 -10.21 23.83
CA LYS D 94 -26.61 -11.19 24.72
C LYS D 94 -26.79 -10.74 26.18
N LEU D 95 -28.00 -10.93 26.70
N LEU D 95 -28.01 -10.90 26.70
CA LEU D 95 -28.29 -10.58 28.08
CA LEU D 95 -28.31 -10.57 28.08
C LEU D 95 -27.75 -11.66 29.02
C LEU D 95 -27.75 -11.66 29.02
N ILE D 96 -27.01 -11.24 30.05
CA ILE D 96 -26.49 -12.16 31.07
C ILE D 96 -26.52 -11.43 32.41
N SER D 97 -26.48 -12.19 33.49
CA SER D 97 -26.51 -11.60 34.80
C SER D 97 -25.19 -10.95 35.17
N ARG D 98 -25.28 -10.07 36.17
N ARG D 98 -25.27 -10.06 36.16
CA ARG D 98 -24.14 -9.37 36.73
CA ARG D 98 -24.11 -9.36 36.70
C ARG D 98 -23.16 -10.38 37.30
C ARG D 98 -23.14 -10.38 37.30
N ASP D 99 -23.70 -11.37 38.01
CA ASP D 99 -22.90 -12.41 38.61
C ASP D 99 -22.17 -13.21 37.57
N TYR D 100 -22.84 -13.54 36.45
CA TYR D 100 -22.19 -14.35 35.43
C TYR D 100 -21.13 -13.54 34.68
N TYR D 101 -21.37 -12.24 34.51
CA TYR D 101 -20.38 -11.39 33.85
C TYR D 101 -19.08 -11.43 34.65
N THR D 102 -19.20 -11.31 35.96
CA THR D 102 -18.06 -11.38 36.87
C THR D 102 -17.40 -12.76 36.82
N THR D 103 -18.19 -13.81 36.96
CA THR D 103 -17.66 -15.17 36.91
C THR D 103 -16.97 -15.48 35.60
N LEU D 104 -17.62 -15.13 34.49
CA LEU D 104 -17.06 -15.38 33.17
C LEU D 104 -15.67 -14.76 33.05
N ASN D 105 -15.56 -13.47 33.35
CA ASN D 105 -14.26 -12.80 33.22
C ASN D 105 -13.17 -13.34 34.16
N LYS D 106 -13.54 -13.69 35.39
CA LYS D 106 -12.58 -14.26 36.32
C LYS D 106 -12.12 -15.64 35.86
N GLU D 107 -13.07 -16.49 35.52
CA GLU D 107 -12.74 -17.84 35.09
C GLU D 107 -11.85 -17.82 33.86
N ILE D 108 -12.16 -16.94 32.92
CA ILE D 108 -11.35 -16.86 31.71
C ILE D 108 -9.97 -16.27 32.02
N SER D 109 -9.91 -15.25 32.87
CA SER D 109 -8.61 -14.68 33.30
C SER D 109 -7.76 -15.76 33.96
N ASN D 110 -8.42 -16.65 34.72
CA ASN D 110 -7.73 -17.72 35.41
C ASN D 110 -7.07 -18.78 34.51
N THR D 111 -7.53 -18.92 33.26
CA THR D 111 -6.98 -19.94 32.36
C THR D 111 -5.54 -19.63 31.94
N GLY D 112 -5.14 -18.37 32.03
CA GLY D 112 -3.81 -17.97 31.56
C GLY D 112 -3.75 -17.91 30.03
N LEU D 113 -4.89 -18.08 29.37
CA LEU D 113 -4.95 -18.08 27.90
C LEU D 113 -5.24 -16.71 27.28
N VAL D 114 -5.68 -15.74 28.08
CA VAL D 114 -5.97 -14.39 27.55
C VAL D 114 -4.98 -13.37 28.11
N ASP D 115 -4.58 -12.44 27.25
CA ASP D 115 -3.60 -11.45 27.61
C ASP D 115 -4.22 -10.18 28.15
N LEU D 116 -5.44 -9.85 27.68
CA LEU D 116 -6.21 -8.72 28.16
C LEU D 116 -7.67 -9.08 28.25
N ILE D 117 -8.38 -8.36 29.11
CA ILE D 117 -9.83 -8.45 29.17
C ILE D 117 -10.39 -7.05 29.15
N ASP D 118 -11.61 -6.91 28.62
CA ASP D 118 -12.28 -5.62 28.58
C ASP D 118 -13.46 -5.68 29.55
N VAL D 119 -13.43 -4.80 30.56
CA VAL D 119 -14.50 -4.69 31.55
C VAL D 119 -15.14 -3.30 31.45
N GLU D 120 -16.46 -3.24 31.58
CA GLU D 120 -17.18 -1.99 31.40
C GLU D 120 -17.30 -1.15 32.68
N LEU D 121 -16.88 0.11 32.59
CA LEU D 121 -16.98 1.08 33.71
C LEU D 121 -18.37 1.07 34.36
N PHE D 122 -19.40 0.96 33.54
CA PHE D 122 -20.77 1.06 33.96
C PHE D 122 -21.24 -0.10 34.86
N MET D 123 -20.45 -1.18 34.91
CA MET D 123 -20.77 -2.32 35.79
C MET D 123 -20.63 -1.93 37.27
N GLY D 124 -19.88 -0.85 37.55
CA GLY D 124 -19.73 -0.34 38.90
C GLY D 124 -18.47 -0.80 39.60
N ASP D 125 -18.10 -0.08 40.64
CA ASP D 125 -16.88 -0.36 41.41
C ASP D 125 -16.81 -1.78 41.98
N GLU D 126 -17.92 -2.30 42.48
CA GLU D 126 -17.89 -3.63 43.11
C GLU D 126 -17.45 -4.67 42.09
N VAL D 127 -18.09 -4.68 40.93
CA VAL D 127 -17.73 -5.60 39.87
C VAL D 127 -16.30 -5.34 39.37
N ILE D 128 -16.02 -4.08 39.08
CA ILE D 128 -14.71 -3.70 38.55
C ILE D 128 -13.57 -4.07 39.50
N ASP D 129 -13.69 -3.70 40.77
CA ASP D 129 -12.66 -4.03 41.76
C ASP D 129 -12.37 -5.53 41.78
N GLU D 130 -13.42 -6.33 41.79
CA GLU D 130 -13.24 -7.78 41.82
C GLU D 130 -12.52 -8.33 40.57
N VAL D 131 -13.00 -7.95 39.40
CA VAL D 131 -12.45 -8.45 38.16
C VAL D 131 -11.04 -7.91 37.90
N VAL D 132 -10.82 -6.63 38.18
CA VAL D 132 -9.49 -6.05 37.94
C VAL D 132 -8.41 -6.64 38.86
N ASN D 133 -8.75 -6.81 40.12
CA ASN D 133 -7.78 -7.36 41.06
C ASN D 133 -7.41 -8.78 40.70
N PHE D 134 -8.40 -9.58 40.29
CA PHE D 134 -8.14 -10.95 39.93
C PHE D 134 -7.31 -11.06 38.65
N ALA D 135 -7.68 -10.25 37.66
CA ALA D 135 -6.97 -10.20 36.41
C ALA D 135 -5.51 -9.88 36.70
N HIS D 136 -5.28 -8.88 37.55
CA HIS D 136 -3.90 -8.50 37.87
C HIS D 136 -3.16 -9.59 38.61
N LYS D 137 -3.87 -10.35 39.46
CA LYS D 137 -3.24 -11.45 40.13
C LYS D 137 -2.75 -12.48 39.11
N LYS D 138 -3.45 -12.59 37.99
CA LYS D 138 -3.10 -13.57 36.95
C LYS D 138 -2.31 -12.96 35.79
N GLU D 139 -1.74 -11.78 36.02
CA GLU D 139 -0.92 -11.07 35.01
C GLU D 139 -1.66 -10.77 33.69
N VAL D 140 -2.97 -10.59 33.79
CA VAL D 140 -3.80 -10.25 32.66
C VAL D 140 -3.99 -8.72 32.68
N LYS D 141 -3.82 -8.08 31.53
CA LYS D 141 -4.02 -6.63 31.43
C LYS D 141 -5.49 -6.27 31.29
N VAL D 142 -5.86 -5.09 31.77
CA VAL D 142 -7.25 -4.71 31.76
C VAL D 142 -7.55 -3.42 31.02
N ILE D 143 -8.50 -3.54 30.10
CA ILE D 143 -9.11 -2.41 29.45
C ILE D 143 -10.41 -2.14 30.22
N ILE D 144 -10.60 -0.92 30.73
CA ILE D 144 -11.90 -0.55 31.29
C ILE D 144 -12.50 0.36 30.23
N SER D 145 -13.69 0.00 29.77
CA SER D 145 -14.30 0.71 28.65
C SER D 145 -15.61 1.38 28.98
N ASN D 146 -15.95 2.34 28.13
CA ASN D 146 -17.21 3.09 28.24
C ASN D 146 -17.63 3.54 26.86
N HIS D 147 -18.93 3.49 26.59
CA HIS D 147 -19.47 3.86 25.30
C HIS D 147 -20.66 4.78 25.40
N ASP D 148 -20.75 5.71 24.44
CA ASP D 148 -21.95 6.52 24.29
C ASP D 148 -22.29 6.45 22.82
N PHE D 149 -23.41 5.82 22.51
CA PHE D 149 -23.85 5.63 21.12
C PHE D 149 -24.75 6.75 20.60
N ASN D 150 -25.03 7.75 21.44
CA ASN D 150 -25.92 8.83 21.02
C ASN D 150 -25.32 10.23 21.04
N LYS D 151 -24.21 10.42 21.74
CA LYS D 151 -23.61 11.76 21.79
C LYS D 151 -22.14 11.70 22.13
N THR D 152 -21.50 12.86 22.02
CA THR D 152 -20.12 13.02 22.40
C THR D 152 -20.11 13.92 23.65
N PRO D 153 -19.79 13.34 24.82
CA PRO D 153 -19.74 14.16 26.01
C PRO D 153 -18.71 15.29 25.84
N LYS D 154 -18.84 16.37 26.61
CA LYS D 154 -17.87 17.45 26.51
C LYS D 154 -16.45 16.93 26.85
N LYS D 155 -15.45 17.64 26.36
CA LYS D 155 -14.03 17.28 26.61
C LYS D 155 -13.77 16.94 28.09
N GLU D 156 -14.19 17.81 28.99
CA GLU D 156 -13.94 17.60 30.42
C GLU D 156 -14.62 16.33 30.97
N GLU D 157 -15.79 15.96 30.42
CA GLU D 157 -16.47 14.73 30.80
C GLU D 157 -15.65 13.52 30.31
N ILE D 158 -15.16 13.60 29.08
CA ILE D 158 -14.34 12.49 28.52
C ILE D 158 -13.08 12.31 29.39
N VAL D 159 -12.38 13.41 29.66
CA VAL D 159 -11.19 13.35 30.52
C VAL D 159 -11.52 12.80 31.92
N SER D 160 -12.68 13.18 32.47
CA SER D 160 -13.05 12.73 33.81
C SER D 160 -13.28 11.22 33.85
N ARG D 161 -13.90 10.68 32.82
CA ARG D 161 -14.13 9.23 32.75
C ARG D 161 -12.83 8.48 32.57
N LEU D 162 -11.97 8.98 31.69
CA LEU D 162 -10.67 8.33 31.44
C LEU D 162 -9.85 8.34 32.73
N CYS D 163 -9.90 9.48 33.45
CA CYS D 163 -9.21 9.58 34.75
C CYS D 163 -9.79 8.57 35.76
N ARG D 164 -11.11 8.42 35.77
CA ARG D 164 -11.73 7.47 36.69
C ARG D 164 -11.24 6.03 36.38
N MET D 165 -11.05 5.74 35.10
CA MET D 165 -10.60 4.44 34.66
C MET D 165 -9.18 4.17 35.15
N GLN D 166 -8.31 5.18 35.14
CA GLN D 166 -6.97 5.04 35.72
C GLN D 166 -7.05 4.77 37.21
N GLU D 167 -7.90 5.54 37.90
CA GLU D 167 -8.08 5.36 39.33
C GLU D 167 -8.58 3.95 39.67
N LEU D 168 -9.37 3.38 38.77
CA LEU D 168 -9.88 2.02 38.98
C LEU D 168 -8.86 0.91 38.62
N GLY D 169 -7.69 1.31 38.14
CA GLY D 169 -6.65 0.31 37.85
C GLY D 169 -6.61 -0.21 36.42
N ALA D 170 -7.32 0.45 35.51
CA ALA D 170 -7.26 0.05 34.11
C ALA D 170 -5.82 0.20 33.61
N ASP D 171 -5.33 -0.81 32.92
CA ASP D 171 -4.05 -0.70 32.27
C ASP D 171 -4.21 0.20 31.03
N LEU D 172 -5.41 0.14 30.44
CA LEU D 172 -5.77 0.85 29.22
C LEU D 172 -7.20 1.39 29.25
N PRO D 173 -7.38 2.65 29.68
CA PRO D 173 -8.68 3.26 29.61
C PRO D 173 -9.15 3.32 28.16
N LYS D 174 -10.44 3.06 27.93
CA LYS D 174 -10.99 3.09 26.59
C LYS D 174 -12.33 3.80 26.55
N ILE D 175 -12.48 4.72 25.61
CA ILE D 175 -13.76 5.39 25.43
C ILE D 175 -14.13 5.51 23.97
N ALA D 176 -15.38 5.16 23.66
CA ALA D 176 -15.95 5.24 22.31
C ALA D 176 -17.20 6.10 22.36
N VAL D 177 -17.26 7.14 21.54
CA VAL D 177 -18.39 8.07 21.57
C VAL D 177 -18.92 8.31 20.16
N MET D 178 -20.14 8.82 20.09
CA MET D 178 -20.80 9.03 18.81
C MET D 178 -20.89 10.52 18.48
N PRO D 179 -20.36 10.93 17.32
CA PRO D 179 -20.47 12.35 17.01
C PRO D 179 -21.84 12.66 16.45
N GLN D 180 -22.38 13.83 16.81
CA GLN D 180 -23.63 14.33 16.24
C GLN D 180 -23.28 15.32 15.14
N ASN D 181 -22.02 15.72 15.09
CA ASN D 181 -21.55 16.64 14.07
C ASN D 181 -20.04 16.57 13.96
N GLU D 182 -19.50 17.26 12.97
CA GLU D 182 -18.07 17.22 12.72
C GLU D 182 -17.27 17.75 13.90
N LYS D 183 -17.77 18.81 14.52
CA LYS D 183 -17.08 19.38 15.64
C LYS D 183 -16.90 18.37 16.78
N ASP D 184 -17.87 17.47 16.97
CA ASP D 184 -17.81 16.44 18.03
C ASP D 184 -16.64 15.49 17.83
N VAL D 185 -16.32 15.21 16.57
CA VAL D 185 -15.17 14.37 16.23
C VAL D 185 -13.92 15.05 16.76
N LEU D 186 -13.82 16.37 16.51
CA LEU D 186 -12.67 17.15 16.96
C LEU D 186 -12.61 17.22 18.50
N VAL D 187 -13.78 17.26 19.15
CA VAL D 187 -13.81 17.27 20.62
C VAL D 187 -13.21 15.99 21.19
N LEU D 188 -13.55 14.86 20.58
CA LEU D 188 -12.99 13.58 20.96
C LEU D 188 -11.48 13.59 20.84
N LEU D 189 -10.99 14.15 19.72
CA LEU D 189 -9.53 14.24 19.48
C LEU D 189 -8.85 15.22 20.46
N GLU D 190 -9.51 16.32 20.77
CA GLU D 190 -8.98 17.32 21.72
C GLU D 190 -8.85 16.70 23.14
N ALA D 191 -9.88 15.97 23.54
CA ALA D 191 -9.92 15.29 24.84
C ALA D 191 -8.84 14.25 24.92
N THR D 192 -8.68 13.49 23.84
CA THR D 192 -7.64 12.46 23.75
C THR D 192 -6.27 13.06 23.99
N ASN D 193 -5.97 14.15 23.29
CA ASN D 193 -4.65 14.72 23.38
C ASN D 193 -4.41 15.40 24.72
N GLU D 194 -5.46 16.03 25.26
CA GLU D 194 -5.35 16.64 26.58
C GLU D 194 -5.06 15.56 27.65
N MET D 195 -5.77 14.43 27.54
CA MET D 195 -5.53 13.34 28.46
C MET D 195 -4.11 12.83 28.29
N PHE D 196 -3.73 12.60 27.04
CA PHE D 196 -2.41 12.11 26.68
C PHE D 196 -1.28 12.99 27.24
N LYS D 197 -1.41 14.30 27.06
CA LYS D 197 -0.38 15.25 27.45
C LYS D 197 -0.32 15.64 28.93
N ILE D 198 -1.48 15.77 29.57
CA ILE D 198 -1.57 16.29 30.93
C ILE D 198 -1.90 15.30 32.04
N TYR D 199 -2.91 14.46 31.83
CA TYR D 199 -3.43 13.57 32.90
C TYR D 199 -3.07 12.08 32.86
N ALA D 200 -2.81 11.54 31.68
CA ALA D 200 -2.57 10.12 31.57
C ALA D 200 -1.18 9.70 32.05
N ASP D 201 -1.11 8.59 32.78
CA ASP D 201 0.18 8.04 33.16
C ASP D 201 0.29 6.64 32.60
N ARG D 202 -0.54 6.38 31.57
CA ARG D 202 -0.57 5.09 30.87
C ARG D 202 -1.22 5.30 29.50
N PRO D 203 -1.16 4.29 28.63
CA PRO D 203 -1.75 4.48 27.31
C PRO D 203 -3.28 4.46 27.40
N ILE D 204 -3.92 5.20 26.51
CA ILE D 204 -5.36 5.29 26.43
C ILE D 204 -5.82 4.92 25.02
N ILE D 205 -7.10 4.58 24.93
CA ILE D 205 -7.73 4.17 23.70
C ILE D 205 -8.99 4.99 23.51
N THR D 206 -9.10 5.69 22.38
CA THR D 206 -10.28 6.50 22.13
C THR D 206 -10.70 6.40 20.72
N MET D 207 -12.00 6.59 20.49
CA MET D 207 -12.53 6.63 19.14
C MET D 207 -13.84 7.37 19.07
N SER D 208 -14.07 7.97 17.90
CA SER D 208 -15.29 8.61 17.53
C SER D 208 -15.84 7.66 16.48
N MET D 209 -17.04 7.15 16.72
CA MET D 209 -17.64 6.16 15.85
C MET D 209 -18.34 6.82 14.63
N SER D 210 -18.88 5.97 13.76
CA SER D 210 -19.58 6.38 12.54
C SER D 210 -18.61 6.85 11.47
N GLY D 211 -19.17 7.12 10.28
CA GLY D 211 -18.42 7.58 9.12
C GLY D 211 -17.60 8.80 9.37
N MET D 212 -18.19 9.84 9.96
CA MET D 212 -17.45 11.06 10.19
C MET D 212 -16.37 10.92 11.27
N GLY D 213 -16.46 9.87 12.09
CA GLY D 213 -15.47 9.68 13.15
C GLY D 213 -14.20 8.92 12.77
N VAL D 214 -14.15 8.40 11.54
CA VAL D 214 -13.03 7.57 11.06
C VAL D 214 -11.64 8.16 11.27
N ILE D 215 -11.49 9.48 11.13
CA ILE D 215 -10.19 10.11 11.38
C ILE D 215 -9.63 9.66 12.71
N SER D 216 -10.53 9.43 13.69
CA SER D 216 -10.11 9.03 15.05
C SER D 216 -9.48 7.63 15.09
N ARG D 217 -9.68 6.84 14.03
CA ARG D 217 -9.10 5.51 13.94
C ARG D 217 -7.73 5.54 13.28
N LEU D 218 -7.44 6.66 12.62
CA LEU D 218 -6.20 6.79 11.83
C LEU D 218 -5.09 7.60 12.47
N CYS D 219 -5.46 8.53 13.34
CA CYS D 219 -4.49 9.52 13.83
C CYS D 219 -4.01 9.36 15.29
N GLY D 220 -4.00 8.14 15.79
CA GLY D 220 -3.56 7.88 17.16
C GLY D 220 -2.14 8.30 17.46
N GLU D 221 -1.23 8.11 16.51
CA GLU D 221 0.16 8.45 16.75
C GLU D 221 0.34 9.91 17.09
N ILE D 222 -0.41 10.76 16.44
CA ILE D 222 -0.33 12.20 16.70
C ILE D 222 -1.16 12.65 17.92
N PHE D 223 -2.39 12.16 18.04
CA PHE D 223 -3.29 12.63 19.09
C PHE D 223 -3.27 11.85 20.39
N GLY D 224 -2.93 10.57 20.33
CA GLY D 224 -2.71 9.81 21.55
C GLY D 224 -3.39 8.48 21.75
N SER D 225 -4.24 8.03 20.83
CA SER D 225 -4.86 6.74 21.02
C SER D 225 -3.85 5.63 20.69
N ALA D 226 -3.68 4.70 21.62
CA ALA D 226 -2.63 3.66 21.51
C ALA D 226 -3.05 2.40 20.77
N LEU D 227 -4.35 2.24 20.56
CA LEU D 227 -4.89 1.04 19.90
C LEU D 227 -6.01 1.49 18.96
N THR D 228 -6.08 0.88 17.79
CA THR D 228 -7.13 1.19 16.84
C THR D 228 -7.73 -0.13 16.36
N PHE D 229 -9.03 -0.13 16.09
CA PHE D 229 -9.71 -1.35 15.70
C PHE D 229 -10.09 -1.38 14.21
N GLY D 230 -9.71 -2.45 13.53
CA GLY D 230 -10.05 -2.64 12.12
C GLY D 230 -11.07 -3.77 12.02
N ALA D 231 -11.72 -3.88 10.87
CA ALA D 231 -12.69 -4.94 10.65
C ALA D 231 -11.99 -6.07 9.91
N ALA D 232 -12.43 -7.29 10.15
CA ALA D 232 -11.86 -8.45 9.48
C ALA D 232 -12.24 -8.44 8.01
N LYS D 233 -13.51 -8.16 7.74
CA LYS D 233 -14.00 -8.13 6.36
C LYS D 233 -13.59 -6.84 5.64
N SER D 234 -13.57 -6.89 4.31
CA SER D 234 -13.22 -5.76 3.47
C SER D 234 -14.31 -5.49 2.44
N ALA D 237 -19.74 -2.08 7.77
CA ALA D 237 -20.62 -0.96 8.09
C ALA D 237 -19.86 0.37 8.02
N PRO D 238 -20.58 1.49 7.91
CA PRO D 238 -19.93 2.81 7.89
C PRO D 238 -19.03 3.03 9.11
N GLY D 239 -17.96 3.80 8.94
CA GLY D 239 -17.03 4.06 10.05
C GLY D 239 -15.92 3.03 10.23
N GLN D 240 -16.18 1.79 9.81
N GLN D 240 -16.17 1.80 9.80
CA GLN D 240 -15.19 0.70 9.93
CA GLN D 240 -15.19 0.73 9.91
C GLN D 240 -14.19 0.75 8.78
C GLN D 240 -14.17 0.80 8.77
N ILE D 241 -12.99 0.27 9.03
CA ILE D 241 -11.93 0.22 8.01
C ILE D 241 -11.34 -1.18 8.13
N SER D 242 -11.23 -1.91 7.02
CA SER D 242 -10.66 -3.26 7.09
C SER D 242 -9.25 -3.11 7.63
N PHE D 243 -8.78 -4.10 8.37
CA PHE D 243 -7.48 -4.00 9.05
C PHE D 243 -6.28 -3.84 8.09
N LYS D 244 -6.34 -4.44 6.90
CA LYS D 244 -5.25 -4.32 5.91
C LYS D 244 -5.10 -2.86 5.51
N GLU D 245 -6.21 -2.21 5.20
CA GLU D 245 -6.20 -0.82 4.79
C GLU D 245 -5.80 0.08 5.95
N LEU D 246 -6.23 -0.27 7.15
CA LEU D 246 -5.88 0.50 8.35
C LEU D 246 -4.36 0.40 8.57
N ASN D 247 -3.80 -0.80 8.38
CA ASN D 247 -2.36 -0.99 8.56
C ASN D 247 -1.57 -0.08 7.59
N SER D 248 -2.04 0.03 6.35
CA SER D 248 -1.39 0.86 5.34
C SER D 248 -1.42 2.34 5.69
N VAL D 249 -2.56 2.82 6.19
CA VAL D 249 -2.67 4.23 6.57
C VAL D 249 -1.76 4.52 7.79
N LEU D 250 -1.79 3.64 8.79
CA LEU D 250 -0.95 3.86 9.96
C LEU D 250 0.55 3.94 9.58
N ASN D 251 0.99 3.08 8.65
CA ASN D 251 2.39 3.10 8.21
C ASN D 251 2.71 4.38 7.47
N LEU D 252 1.76 4.85 6.67
CA LEU D 252 1.94 6.08 5.91
C LEU D 252 2.10 7.27 6.87
N LEU D 253 1.29 7.31 7.93
CA LEU D 253 1.37 8.42 8.89
C LEU D 253 2.59 8.32 9.81
N HIS D 254 3.03 7.09 10.10
CA HIS D 254 4.22 6.88 10.93
C HIS D 254 5.46 7.44 10.23
N LYS D 255 5.56 7.17 8.92
CA LYS D 255 6.71 7.59 8.14
C LYS D 255 6.70 9.09 7.78
N SER D 256 5.53 9.73 7.84
CA SER D 256 5.44 11.16 7.57
C SER D 256 5.81 11.96 8.84
N ILE D 257 5.76 11.28 10.00
CA ILE D 257 6.06 11.85 11.33
C ILE D 257 4.98 12.86 11.73
#